data_3BDK
#
_entry.id   3BDK
#
_cell.length_a   105.468
_cell.length_b   105.468
_cell.length_c   160.155
_cell.angle_alpha   90.00
_cell.angle_beta   90.00
_cell.angle_gamma   90.00
#
_symmetry.space_group_name_H-M   'P 43 21 2'
#
loop_
_entity.id
_entity.type
_entity.pdbx_description
1 polymer 'D-mannonate dehydratase'
2 non-polymer D-mannose
3 non-polymer 'MANGANESE (II) ION'
4 water water
#
_entity_poly.entity_id   1
_entity_poly.type   'polypeptide(L)'
_entity_poly.pdbx_seq_one_letter_code
;MGSSHHHHHHSSGLVPRGSHMKMSFRWYGKKDPVTLEEIKAIPGMQGIVTAVYDVPVGQAWPLENILELKKMVEEAGLEI
TVIESIPVHEDIKQGKPNRDALIENYKTSIRNVGAAGIPVVCYNFMPVFDWTRSDLHHPLPDGSTSLAFLKSDLAGVDPV
ADDLNLPGWDSSYSKEEMKAIIENYRQNISEEDLWANLEYFIKAILPTAEEAGVKMAIHPDDPPYGIFGLPRIITGQEAV
ERFLNLYDSEHNGITMCVGSYASDPKNDVLAMTEYALKRNRINFMHTRNVTAGAWGFQETAHLSQAGDIDMNAVVKLLVD
YDWQGSLRPDHGRRIWGDQTKTPGYGLYDRALGATYFNGLYEANMRAAGKTPDFGIKAKTVGTKEG
;
_entity_poly.pdbx_strand_id   A,B
#
loop_
_chem_comp.id
_chem_comp.type
_chem_comp.name
_chem_comp.formula
DNO D-saccharide D-mannose 'C6 H12 O6'
MN non-polymer 'MANGANESE (II) ION' 'Mn 2'
#
# COMPACT_ATOMS: atom_id res chain seq x y z
N SER A 19 22.16 -2.70 6.29
CA SER A 19 21.24 -2.94 5.15
C SER A 19 19.87 -2.28 5.32
N HIS A 20 19.85 -1.01 5.72
CA HIS A 20 18.58 -0.36 6.00
C HIS A 20 18.14 0.70 4.96
N MET A 21 17.03 0.37 4.30
CA MET A 21 16.33 1.27 3.39
C MET A 21 15.27 2.05 4.16
N LYS A 22 15.27 3.37 3.98
CA LYS A 22 14.37 4.22 4.73
C LYS A 22 13.30 4.82 3.84
N MET A 23 12.10 4.27 3.92
CA MET A 23 10.98 4.76 3.12
C MET A 23 10.86 6.25 3.29
N SER A 24 10.68 6.97 2.19
CA SER A 24 10.70 8.43 2.17
C SER A 24 9.59 8.95 1.29
N PHE A 25 9.49 10.27 1.12
CA PHE A 25 8.30 10.86 0.54
C PHE A 25 8.52 12.34 0.28
N ARG A 26 8.22 12.81 -0.92
CA ARG A 26 8.52 14.20 -1.25
C ARG A 26 7.51 15.14 -0.63
N TRP A 27 8.01 16.21 -0.03
CA TRP A 27 7.15 17.27 0.51
C TRP A 27 7.58 18.64 -0.04
N TYR A 28 6.63 19.36 -0.62
CA TYR A 28 6.91 20.62 -1.31
C TYR A 28 6.94 21.88 -0.44
N GLY A 29 7.24 21.72 0.85
CA GLY A 29 7.31 22.85 1.76
C GLY A 29 5.96 23.27 2.33
N LYS A 30 6.01 24.26 3.21
CA LYS A 30 4.83 24.86 3.85
C LYS A 30 3.63 24.95 2.90
N LYS A 31 3.91 25.18 1.61
CA LYS A 31 2.87 25.35 0.59
C LYS A 31 2.23 24.06 0.06
N ASP A 32 2.81 22.90 0.40
CA ASP A 32 2.29 21.60 -0.04
C ASP A 32 0.91 21.29 0.57
N PRO A 33 -0.11 21.04 -0.27
CA PRO A 33 -1.46 20.70 0.22
C PRO A 33 -1.46 19.36 0.90
N VAL A 34 -0.35 18.66 0.77
CA VAL A 34 -0.05 17.48 1.55
C VAL A 34 0.74 17.97 2.75
N THR A 35 0.36 17.50 3.93
CA THR A 35 1.02 17.89 5.20
C THR A 35 1.85 16.75 5.78
N LEU A 36 2.74 17.12 6.68
CA LEU A 36 3.62 16.16 7.33
C LEU A 36 2.86 15.29 8.34
N GLU A 37 1.76 15.83 8.87
CA GLU A 37 0.82 15.06 9.70
C GLU A 37 0.44 13.84 8.89
N GLU A 38 -0.07 14.12 7.70
CA GLU A 38 -0.50 13.12 6.72
C GLU A 38 0.64 12.21 6.30
N ILE A 39 1.82 12.78 6.10
CA ILE A 39 2.99 12.00 5.64
C ILE A 39 3.53 11.10 6.74
N LYS A 40 3.58 11.62 7.96
CA LYS A 40 3.96 10.83 9.15
C LYS A 40 2.97 9.68 9.40
N ALA A 41 1.72 9.89 9.01
CA ALA A 41 0.65 8.90 9.21
C ALA A 41 0.79 7.59 8.44
N ILE A 42 1.54 7.59 7.33
CA ILE A 42 1.79 6.40 6.51
C ILE A 42 2.66 5.44 7.31
N PRO A 43 2.25 4.17 7.41
CA PRO A 43 3.05 3.19 8.15
C PRO A 43 4.46 3.17 7.62
N GLY A 44 5.41 2.92 8.51
CA GLY A 44 6.84 2.75 8.16
C GLY A 44 7.56 3.93 7.52
N MET A 45 6.83 5.01 7.27
CA MET A 45 7.38 6.18 6.59
C MET A 45 8.31 6.91 7.52
N GLN A 46 9.54 7.11 7.05
CA GLN A 46 10.59 7.74 7.86
C GLN A 46 11.09 9.06 7.27
N GLY A 47 11.67 8.96 6.06
CA GLY A 47 12.34 10.07 5.43
C GLY A 47 11.39 11.01 4.75
N ILE A 48 11.70 12.29 4.81
CA ILE A 48 11.03 13.24 3.98
C ILE A 48 12.02 13.61 2.87
N VAL A 49 11.55 14.26 1.80
CA VAL A 49 12.33 14.59 0.64
C VAL A 49 11.82 15.94 0.12
N THR A 50 12.66 16.96 0.16
CA THR A 50 12.21 18.31 -0.18
C THR A 50 13.37 19.18 -0.66
N ALA A 51 13.04 20.43 -1.00
CA ALA A 51 14.01 21.39 -1.45
C ALA A 51 13.55 22.77 -1.01
N VAL A 52 14.41 23.77 -1.24
CA VAL A 52 14.13 25.17 -0.93
C VAL A 52 13.46 25.84 -2.14
N TYR A 53 12.47 26.68 -1.89
CA TYR A 53 11.67 27.20 -3.00
C TYR A 53 11.63 28.73 -3.21
N ASP A 54 12.38 29.45 -2.38
CA ASP A 54 12.38 30.92 -2.40
C ASP A 54 13.72 31.56 -2.86
N VAL A 55 14.57 30.75 -3.47
CA VAL A 55 15.82 31.24 -4.08
C VAL A 55 15.80 30.91 -5.58
N PRO A 56 15.89 31.94 -6.45
CA PRO A 56 15.54 31.91 -7.88
C PRO A 56 15.93 30.68 -8.72
N VAL A 57 17.19 30.24 -8.64
CA VAL A 57 17.64 28.99 -9.30
C VAL A 57 19.14 28.82 -9.23
N GLY A 58 19.86 29.73 -9.87
CA GLY A 58 21.31 29.70 -9.89
C GLY A 58 21.94 30.13 -8.57
N GLN A 59 21.31 31.12 -7.92
CA GLN A 59 21.84 31.74 -6.70
C GLN A 59 21.97 30.77 -5.53
N ALA A 60 22.84 31.12 -4.58
CA ALA A 60 23.25 30.23 -3.49
C ALA A 60 22.13 29.88 -2.52
N TRP A 61 22.23 28.69 -1.93
CA TRP A 61 21.24 28.21 -0.96
C TRP A 61 21.71 28.48 0.48
N PRO A 62 21.07 29.45 1.17
CA PRO A 62 21.46 29.83 2.53
C PRO A 62 21.07 28.78 3.55
N LEU A 63 21.92 28.59 4.58
CA LEU A 63 21.60 27.68 5.67
C LEU A 63 20.26 28.00 6.35
N GLU A 64 20.00 29.30 6.56
CA GLU A 64 18.72 29.82 7.10
C GLU A 64 17.46 29.20 6.45
N ASN A 65 17.56 28.89 5.16
CA ASN A 65 16.44 28.38 4.41
C ASN A 65 16.25 26.88 4.50
N ILE A 66 17.37 26.16 4.55
CA ILE A 66 17.32 24.70 4.61
C ILE A 66 17.09 24.27 6.06
N LEU A 67 17.64 25.04 7.00
CA LEU A 67 17.39 24.81 8.42
C LEU A 67 15.91 25.00 8.74
N GLU A 68 15.33 26.10 8.27
CA GLU A 68 13.93 26.43 8.61
C GLU A 68 12.93 25.39 8.09
N LEU A 69 13.34 24.57 7.14
CA LEU A 69 12.52 23.46 6.65
C LEU A 69 12.87 22.17 7.39
N LYS A 70 14.13 22.04 7.80
CA LYS A 70 14.58 20.92 8.60
C LYS A 70 13.95 20.97 10.00
N LYS A 71 13.74 22.19 10.50
CA LYS A 71 13.13 22.38 11.81
C LYS A 71 11.63 22.11 11.71
N MET A 72 11.04 22.51 10.57
CA MET A 72 9.62 22.29 10.33
C MET A 72 9.29 20.81 10.24
N VAL A 73 10.29 20.00 9.89
CA VAL A 73 10.11 18.56 9.70
C VAL A 73 10.52 17.76 10.92
N GLU A 74 11.60 18.15 11.58
CA GLU A 74 12.10 17.41 12.75
C GLU A 74 11.08 17.38 13.88
N GLU A 75 10.31 18.46 14.01
CA GLU A 75 9.24 18.56 15.01
C GLU A 75 8.07 17.61 14.72
N ALA A 76 7.90 17.26 13.44
CA ALA A 76 6.80 16.41 13.00
C ALA A 76 7.09 14.91 13.17
N GLY A 77 8.25 14.58 13.74
CA GLY A 77 8.61 13.19 14.00
C GLY A 77 9.33 12.55 12.81
N LEU A 78 9.55 13.34 11.77
CA LEU A 78 10.21 12.90 10.56
C LEU A 78 11.55 13.60 10.33
N GLU A 79 12.24 13.15 9.27
CA GLU A 79 13.64 13.46 9.02
C GLU A 79 13.93 13.66 7.53
N ILE A 80 14.82 14.61 7.20
CA ILE A 80 15.32 14.73 5.82
C ILE A 80 16.40 13.68 5.51
N THR A 81 16.16 12.86 4.50
CA THR A 81 17.07 11.79 4.12
C THR A 81 17.79 12.11 2.80
N VAL A 82 17.21 13.04 2.03
CA VAL A 82 17.61 13.36 0.67
C VAL A 82 16.97 14.69 0.29
N ILE A 83 17.66 15.48 -0.51
CA ILE A 83 17.08 16.71 -1.04
C ILE A 83 16.73 16.53 -2.50
N GLU A 84 15.47 16.72 -2.85
CA GLU A 84 15.09 16.52 -4.23
C GLU A 84 15.28 17.81 -4.95
N SER A 85 16.52 17.95 -5.39
CA SER A 85 16.90 18.85 -6.44
C SER A 85 17.35 20.20 -5.94
N ILE A 86 18.66 20.38 -5.98
CA ILE A 86 19.26 21.66 -6.30
C ILE A 86 19.41 21.66 -7.84
N PRO A 87 18.56 22.44 -8.54
CA PRO A 87 18.56 22.55 -10.00
C PRO A 87 19.76 23.28 -10.63
N VAL A 88 20.55 22.53 -11.38
CA VAL A 88 21.57 23.07 -12.27
C VAL A 88 20.97 24.09 -13.27
N HIS A 89 21.59 25.27 -13.38
CA HIS A 89 21.13 26.37 -14.26
C HIS A 89 21.33 25.99 -15.74
N GLU A 90 20.46 26.50 -16.61
CA GLU A 90 20.59 26.24 -18.05
C GLU A 90 21.97 26.63 -18.55
N ASP A 91 22.49 27.75 -18.06
CA ASP A 91 23.82 28.22 -18.45
C ASP A 91 24.91 27.23 -18.12
N ILE A 92 24.74 26.47 -17.03
CA ILE A 92 25.70 25.40 -16.74
C ILE A 92 25.53 24.26 -17.74
N LYS A 93 24.27 23.88 -17.97
CA LYS A 93 23.92 22.82 -18.92
C LYS A 93 24.43 23.14 -20.33
N GLN A 94 24.33 24.41 -20.72
CA GLN A 94 24.78 24.88 -22.05
C GLN A 94 26.28 25.17 -22.15
N GLY A 95 26.99 25.09 -21.02
CA GLY A 95 28.42 25.46 -20.98
C GLY A 95 28.76 26.89 -21.35
N LYS A 96 27.90 27.84 -21.02
CA LYS A 96 28.15 29.26 -21.32
C LYS A 96 29.19 29.88 -20.35
N PRO A 97 29.89 30.97 -20.74
CA PRO A 97 31.13 31.39 -20.04
C PRO A 97 30.87 31.82 -18.60
N ASN A 98 29.75 32.52 -18.42
CA ASN A 98 29.17 32.85 -17.12
C ASN A 98 28.79 31.69 -16.23
N ARG A 99 29.32 30.49 -16.49
CA ARG A 99 28.89 29.33 -15.71
C ARG A 99 29.57 29.23 -14.37
N ASP A 100 30.82 29.66 -14.29
CA ASP A 100 31.67 29.51 -13.09
C ASP A 100 31.06 30.06 -11.81
N ALA A 101 30.48 31.25 -11.92
CA ALA A 101 29.79 31.90 -10.82
C ALA A 101 28.57 31.07 -10.42
N LEU A 102 27.80 30.61 -11.40
CA LEU A 102 26.61 29.80 -11.10
C LEU A 102 27.04 28.53 -10.37
N ILE A 103 28.10 27.89 -10.84
CA ILE A 103 28.69 26.73 -10.17
C ILE A 103 29.17 27.10 -8.77
N GLU A 104 29.67 28.33 -8.61
CA GLU A 104 30.01 28.87 -7.29
C GLU A 104 28.83 28.78 -6.33
N ASN A 105 27.74 29.46 -6.70
CA ASN A 105 26.52 29.44 -5.92
C ASN A 105 26.01 28.06 -5.62
N TYR A 106 26.26 27.13 -6.56
CA TYR A 106 25.94 25.70 -6.41
C TYR A 106 26.93 25.02 -5.44
N LYS A 107 28.20 25.44 -5.45
CA LYS A 107 29.22 24.96 -4.51
C LYS A 107 28.73 25.06 -3.06
N THR A 108 28.29 26.24 -2.63
CA THR A 108 27.89 26.44 -1.23
C THR A 108 26.61 25.69 -0.84
N SER A 109 25.66 25.61 -1.77
CA SER A 109 24.48 24.77 -1.58
C SER A 109 24.90 23.40 -1.06
N ILE A 110 25.95 22.84 -1.65
CA ILE A 110 26.41 21.52 -1.25
C ILE A 110 26.94 21.59 0.18
N ARG A 111 27.61 22.70 0.52
CA ARG A 111 28.22 22.83 1.83
C ARG A 111 27.17 23.13 2.92
N ASN A 112 26.37 24.17 2.70
CA ASN A 112 25.19 24.43 3.53
C ASN A 112 24.31 23.20 3.84
N VAL A 113 24.11 22.34 2.83
CA VAL A 113 23.33 21.10 2.96
C VAL A 113 24.07 20.04 3.78
N GLY A 114 25.38 19.91 3.57
CA GLY A 114 26.23 19.08 4.44
C GLY A 114 26.23 19.61 5.87
N ALA A 115 26.02 20.93 5.99
CA ALA A 115 25.88 21.62 7.27
C ALA A 115 24.46 21.46 7.83
N ALA A 116 23.88 20.27 7.63
CA ALA A 116 22.53 19.97 8.09
C ALA A 116 22.31 18.48 8.19
N GLY A 117 23.35 17.70 7.98
CA GLY A 117 23.28 16.25 8.17
C GLY A 117 22.62 15.49 7.03
N ILE A 118 21.77 16.17 6.27
CA ILE A 118 21.16 15.64 5.04
C ILE A 118 22.20 15.15 4.04
N PRO A 119 22.29 13.80 3.84
CA PRO A 119 23.37 13.09 3.13
C PRO A 119 23.23 12.83 1.62
N VAL A 120 22.15 13.28 0.99
CA VAL A 120 21.96 13.03 -0.45
C VAL A 120 21.32 14.21 -1.17
N VAL A 121 21.83 14.50 -2.37
CA VAL A 121 21.24 15.54 -3.24
C VAL A 121 20.98 14.98 -4.66
N CYS A 122 19.69 14.86 -5.00
CA CYS A 122 19.25 14.55 -6.35
C CYS A 122 19.25 15.84 -7.19
N TYR A 123 19.32 15.69 -8.52
CA TYR A 123 19.39 16.81 -9.49
C TYR A 123 19.45 16.19 -10.89
N ASN A 124 19.10 16.94 -11.92
CA ASN A 124 19.18 16.43 -13.32
C ASN A 124 20.13 17.20 -14.22
N PHE A 125 20.34 16.68 -15.44
CA PHE A 125 21.11 17.36 -16.48
C PHE A 125 20.37 17.24 -17.81
N MET A 126 19.20 17.85 -17.85
CA MET A 126 18.26 17.68 -18.92
C MET A 126 17.96 19.03 -19.52
N PRO A 127 18.43 19.26 -20.76
CA PRO A 127 18.16 20.51 -21.43
C PRO A 127 16.69 20.86 -21.35
N VAL A 128 16.40 22.15 -21.13
CA VAL A 128 15.08 22.75 -21.28
C VAL A 128 14.04 22.36 -20.23
N PHE A 129 13.52 21.13 -20.30
CA PHE A 129 12.47 20.65 -19.39
C PHE A 129 13.05 19.60 -18.47
N ASP A 130 12.38 19.36 -17.33
CA ASP A 130 12.75 18.24 -16.45
C ASP A 130 11.91 16.99 -16.64
N TRP A 131 10.87 17.12 -17.44
CA TRP A 131 10.04 16.01 -17.86
C TRP A 131 9.08 16.53 -18.91
N THR A 132 8.44 15.61 -19.63
CA THR A 132 7.48 15.97 -20.65
C THR A 132 6.38 14.92 -20.62
N ARG A 133 5.15 15.37 -20.51
CA ARG A 133 4.01 14.48 -20.66
C ARG A 133 3.11 15.10 -21.71
N SER A 134 2.34 14.26 -22.40
CA SER A 134 1.38 14.73 -23.38
C SER A 134 0.03 14.95 -22.70
N ASP A 135 -0.15 14.33 -21.53
CA ASP A 135 -1.47 14.24 -20.92
C ASP A 135 -1.38 13.92 -19.44
N LEU A 136 -1.98 14.79 -18.62
CA LEU A 136 -1.83 14.78 -17.18
C LEU A 136 -3.05 14.26 -16.44
N HIS A 137 -3.95 13.64 -17.18
CA HIS A 137 -5.09 12.90 -16.64
C HIS A 137 -5.46 11.85 -17.65
N HIS A 138 -4.53 10.95 -17.99
CA HIS A 138 -4.84 9.92 -18.97
C HIS A 138 -5.55 8.79 -18.26
N PRO A 139 -6.71 8.35 -18.81
CA PRO A 139 -7.49 7.25 -18.18
C PRO A 139 -6.76 5.92 -18.09
N LEU A 140 -6.92 5.23 -16.96
CA LEU A 140 -6.50 3.85 -16.78
C LEU A 140 -7.75 2.93 -16.78
N PRO A 141 -7.56 1.61 -17.05
CA PRO A 141 -8.64 0.61 -17.02
C PRO A 141 -9.53 0.62 -15.79
N ASP A 142 -8.98 0.92 -14.62
CA ASP A 142 -9.81 0.90 -13.42
C ASP A 142 -10.61 2.19 -13.18
N GLY A 143 -10.52 3.13 -14.14
CA GLY A 143 -11.24 4.43 -14.05
C GLY A 143 -10.48 5.56 -13.40
N SER A 144 -9.37 5.25 -12.70
CA SER A 144 -8.41 6.28 -12.19
C SER A 144 -7.67 6.93 -13.34
N THR A 145 -6.86 7.96 -13.07
CA THR A 145 -6.12 8.63 -14.15
C THR A 145 -4.64 8.82 -13.80
N SER A 146 -3.80 8.91 -14.83
CA SER A 146 -2.35 9.03 -14.60
C SER A 146 -1.61 9.76 -15.74
N LEU A 147 -0.38 10.15 -15.49
CA LEU A 147 0.39 10.89 -16.48
C LEU A 147 0.81 9.97 -17.61
N ALA A 148 0.74 10.47 -18.83
CA ALA A 148 1.14 9.68 -19.96
C ALA A 148 1.88 10.58 -20.92
N PHE A 149 2.90 10.00 -21.54
CA PHE A 149 3.58 10.57 -22.69
C PHE A 149 3.22 9.72 -23.89
N LEU A 150 2.39 10.24 -24.78
CA LEU A 150 2.05 9.52 -26.00
C LEU A 150 2.66 10.22 -27.19
N LYS A 151 3.68 9.57 -27.75
CA LYS A 151 4.45 10.15 -28.84
C LYS A 151 3.57 10.81 -29.90
N SER A 152 2.71 10.03 -30.53
CA SER A 152 2.00 10.53 -31.70
C SER A 152 1.22 11.80 -31.41
N ASP A 153 0.89 12.04 -30.15
CA ASP A 153 0.13 13.22 -29.81
C ASP A 153 1.03 14.42 -29.64
N LEU A 154 2.32 14.17 -29.43
CA LEU A 154 3.30 15.24 -29.37
C LEU A 154 4.06 15.45 -30.68
N ALA A 155 3.62 14.76 -31.73
CA ALA A 155 4.18 14.95 -33.06
C ALA A 155 3.88 16.34 -33.63
N GLY A 156 2.60 16.73 -33.61
CA GLY A 156 2.21 18.07 -34.05
C GLY A 156 2.96 19.24 -33.42
N VAL A 157 3.19 19.17 -32.10
CA VAL A 157 3.62 20.33 -31.28
C VAL A 157 5.04 20.90 -31.48
N ASP A 158 5.08 22.23 -31.53
CA ASP A 158 6.30 23.00 -31.55
C ASP A 158 6.40 23.56 -30.13
N PRO A 159 7.50 23.30 -29.42
CA PRO A 159 7.56 23.75 -28.04
C PRO A 159 7.92 25.24 -27.86
N SER A 174 11.50 32.68 -19.70
CA SER A 174 10.71 33.64 -20.47
C SER A 174 9.80 32.90 -21.45
N LYS A 175 9.65 33.48 -22.66
CA LYS A 175 8.97 32.82 -23.77
C LYS A 175 9.78 33.02 -25.05
N GLU A 176 10.23 34.25 -25.29
CA GLU A 176 11.16 34.55 -26.39
C GLU A 176 12.54 33.95 -26.08
N GLU A 177 12.82 33.78 -24.79
CA GLU A 177 14.08 33.19 -24.33
C GLU A 177 14.16 31.69 -24.59
N MET A 178 13.15 30.94 -24.12
CA MET A 178 13.11 29.49 -24.31
C MET A 178 13.21 29.10 -25.79
N LYS A 179 12.47 29.80 -26.65
CA LYS A 179 12.62 29.61 -28.10
C LYS A 179 14.10 29.59 -28.48
N ALA A 180 14.83 30.64 -28.11
CA ALA A 180 16.25 30.76 -28.40
C ALA A 180 17.13 29.79 -27.61
N ILE A 181 16.65 29.31 -26.48
CA ILE A 181 17.34 28.29 -25.71
C ILE A 181 17.25 26.96 -26.47
N ILE A 182 16.08 26.74 -27.07
CA ILE A 182 15.81 25.55 -27.84
C ILE A 182 16.61 25.59 -29.14
N GLU A 183 16.60 26.74 -29.82
CA GLU A 183 17.46 26.93 -31.00
C GLU A 183 18.92 26.60 -30.70
N ASN A 184 19.45 27.12 -29.59
CA ASN A 184 20.84 26.86 -29.20
C ASN A 184 21.17 25.36 -29.04
N TYR A 185 20.41 24.66 -28.20
CA TYR A 185 20.53 23.19 -27.99
C TYR A 185 20.40 22.39 -29.29
N ARG A 186 19.38 22.70 -30.07
CA ARG A 186 19.13 22.00 -31.34
C ARG A 186 20.28 22.12 -32.31
N GLN A 187 20.64 23.35 -32.61
CA GLN A 187 21.66 23.64 -33.64
C GLN A 187 23.11 23.53 -33.17
N ASN A 188 23.37 23.93 -31.93
CA ASN A 188 24.75 24.14 -31.49
C ASN A 188 25.30 23.19 -30.43
N ILE A 189 24.44 22.64 -29.57
CA ILE A 189 24.89 21.70 -28.52
C ILE A 189 24.56 20.25 -28.86
N SER A 190 25.59 19.44 -29.10
CA SER A 190 25.41 18.03 -29.41
C SER A 190 25.58 17.18 -28.17
N GLU A 191 25.33 15.88 -28.29
CA GLU A 191 25.41 15.00 -27.12
C GLU A 191 26.77 15.14 -26.45
N GLU A 192 27.84 14.96 -27.22
CA GLU A 192 29.20 15.10 -26.71
C GLU A 192 29.46 16.46 -26.06
N ASP A 193 28.88 17.51 -26.61
CA ASP A 193 28.99 18.82 -25.99
C ASP A 193 28.41 18.79 -24.58
N LEU A 194 27.24 18.14 -24.46
CA LEU A 194 26.50 18.07 -23.20
C LEU A 194 27.21 17.13 -22.24
N TRP A 195 27.84 16.09 -22.77
CA TRP A 195 28.71 15.28 -21.92
C TRP A 195 29.81 16.16 -21.34
N ALA A 196 30.48 16.92 -22.20
CA ALA A 196 31.52 17.87 -21.81
C ALA A 196 31.05 18.91 -20.79
N ASN A 197 29.86 19.45 -20.99
CA ASN A 197 29.35 20.42 -20.06
C ASN A 197 29.14 19.80 -18.68
N LEU A 198 28.74 18.52 -18.67
CA LEU A 198 28.47 17.80 -17.45
C LEU A 198 29.75 17.43 -16.75
N GLU A 199 30.70 16.94 -17.52
CA GLU A 199 31.98 16.55 -16.96
C GLU A 199 32.63 17.74 -16.24
N TYR A 200 32.60 18.89 -16.88
CA TYR A 200 33.09 20.14 -16.32
C TYR A 200 32.41 20.42 -14.99
N PHE A 201 31.08 20.30 -14.98
CA PHE A 201 30.25 20.48 -13.78
C PHE A 201 30.58 19.48 -12.67
N ILE A 202 30.72 18.22 -13.05
CA ILE A 202 31.00 17.14 -12.11
C ILE A 202 32.35 17.35 -11.42
N LYS A 203 33.43 17.42 -12.19
CA LYS A 203 34.74 17.50 -11.55
C LYS A 203 34.90 18.78 -10.77
N ALA A 204 34.08 19.78 -11.10
CA ALA A 204 33.98 21.00 -10.32
C ALA A 204 33.41 20.77 -8.90
N ILE A 205 32.27 20.05 -8.83
CA ILE A 205 31.46 20.00 -7.60
C ILE A 205 31.72 18.81 -6.68
N LEU A 206 32.34 17.75 -7.18
CA LEU A 206 32.47 16.55 -6.39
C LEU A 206 33.36 16.66 -5.14
N PRO A 207 34.61 17.16 -5.27
CA PRO A 207 35.40 17.34 -4.05
C PRO A 207 34.64 18.23 -3.03
N THR A 208 33.99 19.28 -3.52
CA THR A 208 33.11 20.13 -2.70
C THR A 208 32.10 19.29 -1.95
N ALA A 209 31.62 18.22 -2.58
CA ALA A 209 30.57 17.35 -2.03
C ALA A 209 31.14 16.25 -1.15
N GLU A 210 32.29 15.72 -1.50
CA GLU A 210 33.01 14.83 -0.59
C GLU A 210 33.49 15.64 0.62
N GLU A 211 33.69 16.94 0.42
CA GLU A 211 34.12 17.84 1.50
C GLU A 211 32.97 18.12 2.49
N ALA A 212 31.72 17.95 2.04
CA ALA A 212 30.53 18.19 2.89
C ALA A 212 29.80 16.92 3.38
N GLY A 213 30.33 15.73 3.05
CA GLY A 213 29.68 14.45 3.38
C GLY A 213 28.54 14.03 2.44
N VAL A 214 27.98 15.01 1.73
CA VAL A 214 26.82 14.88 0.85
C VAL A 214 27.09 14.03 -0.41
N LYS A 215 26.23 13.05 -0.68
CA LYS A 215 26.35 12.23 -1.91
C LYS A 215 25.40 12.70 -3.03
N MET A 216 25.95 12.86 -4.23
CA MET A 216 25.17 13.34 -5.36
C MET A 216 24.51 12.18 -6.11
N ALA A 217 23.31 12.42 -6.62
CA ALA A 217 22.53 11.36 -7.25
C ALA A 217 21.68 11.92 -8.39
N ILE A 218 22.04 11.57 -9.61
CA ILE A 218 21.50 12.25 -10.79
C ILE A 218 20.21 11.60 -11.26
N HIS A 219 19.13 12.38 -11.26
CA HIS A 219 17.85 11.92 -11.81
C HIS A 219 17.93 11.70 -13.31
N PRO A 220 17.61 10.50 -13.75
CA PRO A 220 17.78 10.11 -15.16
C PRO A 220 16.90 10.96 -16.08
N ASP A 221 17.14 10.84 -17.39
CA ASP A 221 16.43 11.65 -18.37
C ASP A 221 15.01 11.11 -18.59
N ASP A 222 14.03 12.02 -18.56
CA ASP A 222 12.64 11.61 -18.42
C ASP A 222 11.74 12.39 -19.38
N PRO A 223 11.45 11.77 -20.52
CA PRO A 223 11.87 10.38 -20.78
C PRO A 223 13.30 10.33 -21.30
N PRO A 224 13.80 9.11 -21.54
CA PRO A 224 15.23 8.90 -21.75
C PRO A 224 15.58 8.82 -23.23
N TYR A 225 14.98 9.68 -24.04
CA TYR A 225 15.37 9.84 -25.43
C TYR A 225 15.07 11.25 -25.93
N GLY A 226 15.63 11.60 -27.08
CA GLY A 226 15.49 12.94 -27.64
C GLY A 226 14.03 13.26 -27.90
N ILE A 227 13.55 14.38 -27.39
CA ILE A 227 12.27 14.95 -27.81
C ILE A 227 12.55 16.26 -28.52
N PHE A 228 11.70 16.61 -29.47
CA PHE A 228 11.73 17.95 -30.05
C PHE A 228 13.15 18.31 -30.52
N GLY A 229 13.88 17.31 -31.01
CA GLY A 229 15.26 17.51 -31.45
C GLY A 229 16.25 18.00 -30.41
N LEU A 230 15.84 18.02 -29.14
CA LEU A 230 16.74 18.34 -28.04
C LEU A 230 17.55 17.12 -27.62
N PRO A 231 18.80 17.31 -27.18
CA PRO A 231 19.61 16.16 -26.82
C PRO A 231 19.35 15.65 -25.37
N ARG A 232 19.55 14.34 -25.14
CA ARG A 232 19.46 13.74 -23.82
C ARG A 232 20.57 12.74 -23.70
N ILE A 233 21.21 12.68 -22.53
CA ILE A 233 22.33 11.75 -22.36
C ILE A 233 22.18 10.75 -21.22
N ILE A 234 21.36 11.08 -20.23
CA ILE A 234 21.19 10.15 -19.13
C ILE A 234 20.00 9.28 -19.45
N THR A 235 20.25 8.29 -20.27
CA THR A 235 19.20 7.61 -20.99
C THR A 235 19.22 6.06 -20.88
N GLY A 236 20.32 5.48 -20.39
CA GLY A 236 20.50 4.01 -20.32
C GLY A 236 21.80 3.47 -19.74
N GLN A 237 21.99 2.16 -19.85
CA GLN A 237 23.15 1.45 -19.26
C GLN A 237 24.49 2.07 -19.60
N GLU A 238 24.71 2.37 -20.89
CA GLU A 238 25.91 3.07 -21.37
C GLU A 238 26.17 4.37 -20.64
N ALA A 239 25.15 5.22 -20.64
CA ALA A 239 25.23 6.52 -20.02
C ALA A 239 25.69 6.33 -18.57
N VAL A 240 25.03 5.42 -17.87
CA VAL A 240 25.40 5.08 -16.50
C VAL A 240 26.90 4.82 -16.33
N GLU A 241 27.42 3.83 -17.06
CA GLU A 241 28.84 3.52 -16.95
C GLU A 241 29.66 4.79 -17.16
N ARG A 242 29.39 5.48 -18.26
CA ARG A 242 30.09 6.72 -18.57
C ARG A 242 29.96 7.76 -17.44
N PHE A 243 28.78 7.88 -16.85
CA PHE A 243 28.53 8.96 -15.90
C PHE A 243 29.28 8.69 -14.60
N LEU A 244 29.18 7.45 -14.16
CA LEU A 244 29.95 7.01 -13.04
C LEU A 244 31.41 7.42 -13.31
N ASN A 245 31.92 7.08 -14.49
CA ASN A 245 33.34 7.24 -14.78
C ASN A 245 33.88 8.66 -14.87
N LEU A 246 32.99 9.65 -14.95
CA LEU A 246 33.38 11.07 -14.90
C LEU A 246 34.13 11.45 -13.62
N TYR A 247 34.03 10.59 -12.62
CA TYR A 247 34.55 10.84 -11.29
C TYR A 247 34.24 9.59 -10.46
N ASP A 248 35.08 8.56 -10.64
CA ASP A 248 34.87 7.26 -10.00
C ASP A 248 34.97 7.35 -8.47
N SER A 249 33.90 7.84 -7.88
CA SER A 249 33.81 8.06 -6.44
C SER A 249 32.40 7.77 -5.97
N GLU A 250 32.29 7.03 -4.87
CA GLU A 250 30.99 6.62 -4.34
C GLU A 250 30.05 7.81 -4.09
N HIS A 251 30.60 9.02 -3.95
CA HIS A 251 29.82 10.27 -3.82
C HIS A 251 29.25 10.84 -5.14
N ASN A 252 29.67 10.22 -6.26
CA ASN A 252 29.19 10.50 -7.61
C ASN A 252 28.27 9.37 -8.01
N GLY A 253 26.97 9.58 -7.85
CA GLY A 253 25.98 8.51 -8.03
C GLY A 253 24.73 8.89 -8.83
N ILE A 254 23.83 7.93 -8.92
CA ILE A 254 22.57 8.11 -9.62
C ILE A 254 21.40 8.00 -8.67
N THR A 255 20.29 8.57 -9.12
CA THR A 255 19.00 8.16 -8.64
C THR A 255 18.48 7.15 -9.65
N MET A 256 18.42 5.89 -9.24
CA MET A 256 17.80 4.84 -10.06
C MET A 256 16.28 4.97 -10.08
N CYS A 257 15.77 5.81 -10.97
CA CYS A 257 14.32 5.93 -11.14
C CYS A 257 13.97 4.89 -12.18
N VAL A 258 13.70 3.67 -11.71
CA VAL A 258 13.32 2.58 -12.59
C VAL A 258 12.21 2.94 -13.60
N GLY A 259 11.31 3.84 -13.21
CA GLY A 259 10.22 4.28 -14.05
C GLY A 259 10.68 5.07 -15.25
N SER A 260 11.61 5.99 -15.03
CA SER A 260 12.14 6.84 -16.09
C SER A 260 12.87 5.98 -17.09
N TYR A 261 13.75 5.13 -16.57
CA TYR A 261 14.46 4.19 -17.42
C TYR A 261 13.58 3.18 -18.14
N ALA A 262 12.52 2.66 -17.52
CA ALA A 262 11.72 1.62 -18.19
C ALA A 262 10.76 2.17 -19.24
N SER A 263 10.66 3.49 -19.28
CA SER A 263 9.82 4.19 -20.26
C SER A 263 10.33 3.96 -21.65
N ASP A 264 11.63 3.64 -21.75
CA ASP A 264 12.17 3.10 -22.98
C ASP A 264 12.35 1.57 -22.91
N PRO A 265 11.50 0.82 -23.64
CA PRO A 265 11.58 -0.66 -23.75
C PRO A 265 12.98 -1.24 -23.99
N LYS A 266 13.88 -0.46 -24.57
CA LYS A 266 15.18 -1.00 -24.92
C LYS A 266 15.97 -1.20 -23.64
N ASN A 267 15.54 -0.53 -22.57
CA ASN A 267 16.22 -0.60 -21.27
C ASN A 267 15.78 -1.78 -20.41
N ASP A 268 16.74 -2.36 -19.68
CA ASP A 268 16.49 -3.44 -18.74
C ASP A 268 16.87 -2.91 -17.33
N VAL A 269 15.88 -2.32 -16.65
CA VAL A 269 16.07 -1.75 -15.34
C VAL A 269 16.60 -2.77 -14.30
N LEU A 270 16.18 -4.03 -14.41
CA LEU A 270 16.67 -5.05 -13.51
C LEU A 270 18.17 -5.20 -13.63
N ALA A 271 18.67 -5.27 -14.86
CA ALA A 271 20.10 -5.35 -15.08
C ALA A 271 20.76 -4.03 -14.68
N MET A 272 20.11 -2.91 -15.03
CA MET A 272 20.68 -1.60 -14.75
C MET A 272 20.80 -1.35 -13.25
N THR A 273 19.77 -1.78 -12.54
CA THR A 273 19.72 -1.72 -11.10
C THR A 273 20.88 -2.53 -10.53
N GLU A 274 20.97 -3.82 -10.88
CA GLU A 274 22.07 -4.65 -10.39
C GLU A 274 23.46 -4.09 -10.73
N TYR A 275 23.74 -3.87 -12.01
CA TYR A 275 25.03 -3.28 -12.39
C TYR A 275 25.46 -2.18 -11.41
N ALA A 276 24.57 -1.22 -11.16
CA ALA A 276 24.90 -0.02 -10.42
C ALA A 276 25.08 -0.28 -8.94
N LEU A 277 24.39 -1.31 -8.45
CA LEU A 277 24.56 -1.77 -7.08
C LEU A 277 25.95 -2.37 -6.87
N LYS A 278 26.37 -3.27 -7.77
CA LYS A 278 27.71 -3.86 -7.70
C LYS A 278 28.80 -2.81 -7.66
N ARG A 279 28.52 -1.61 -8.17
CA ARG A 279 29.50 -0.55 -8.11
C ARG A 279 29.30 0.38 -6.91
N ASN A 280 28.38 0.04 -6.02
CA ASN A 280 28.02 0.89 -4.88
C ASN A 280 27.66 2.30 -5.35
N ARG A 281 26.77 2.40 -6.32
CA ARG A 281 26.54 3.69 -6.94
C ARG A 281 25.08 4.15 -6.96
N ILE A 282 24.22 3.44 -6.23
CA ILE A 282 22.87 3.91 -6.03
C ILE A 282 22.85 4.72 -4.73
N ASN A 283 22.57 6.01 -4.85
CA ASN A 283 22.53 6.89 -3.67
C ASN A 283 21.11 7.36 -3.36
N PHE A 284 20.14 6.80 -4.07
CA PHE A 284 18.75 7.25 -3.97
C PHE A 284 17.88 6.60 -5.03
N MET A 285 16.59 6.55 -4.77
CA MET A 285 15.70 5.57 -5.40
C MET A 285 14.36 6.19 -5.78
N HIS A 286 13.99 6.08 -7.04
CA HIS A 286 12.63 6.35 -7.48
C HIS A 286 11.96 5.09 -7.99
N THR A 287 11.08 4.52 -7.17
CA THR A 287 10.38 3.29 -7.54
C THR A 287 8.98 3.59 -8.07
N ARG A 288 8.92 4.11 -9.30
CA ARG A 288 7.65 4.32 -9.98
C ARG A 288 7.46 3.34 -11.13
N ASN A 289 6.22 3.06 -11.46
CA ASN A 289 5.90 2.03 -12.45
C ASN A 289 5.29 2.62 -13.72
N VAL A 290 5.74 2.12 -14.86
CA VAL A 290 5.18 2.55 -16.15
C VAL A 290 4.91 1.35 -17.05
N THR A 291 4.06 1.55 -18.05
CA THR A 291 3.96 0.62 -19.17
C THR A 291 4.38 1.38 -20.43
N ALA A 292 4.98 0.70 -21.40
CA ALA A 292 5.72 1.42 -22.44
C ALA A 292 5.71 0.69 -23.77
N GLY A 293 5.87 1.45 -24.84
CA GLY A 293 6.07 0.85 -26.17
C GLY A 293 6.83 1.76 -27.11
N ALA A 294 6.81 1.41 -28.39
CA ALA A 294 7.25 2.33 -29.40
C ALA A 294 6.32 3.58 -29.39
N TRP A 295 5.11 3.41 -28.82
CA TRP A 295 4.08 4.46 -28.74
C TRP A 295 4.31 5.51 -27.66
N GLY A 296 5.32 5.30 -26.81
CA GLY A 296 5.49 6.15 -25.64
C GLY A 296 5.28 5.35 -24.38
N PHE A 297 4.57 5.93 -23.42
CA PHE A 297 4.47 5.29 -22.11
C PHE A 297 3.44 5.95 -21.23
N GLN A 298 2.99 5.20 -20.22
CA GLN A 298 2.01 5.65 -19.28
C GLN A 298 2.33 5.16 -17.88
N GLU A 299 2.30 6.08 -16.92
CA GLU A 299 2.50 5.76 -15.52
C GLU A 299 1.32 4.93 -15.01
N THR A 300 1.62 3.95 -14.16
CA THR A 300 0.60 3.05 -13.63
C THR A 300 0.65 3.00 -12.13
N ALA A 301 -0.14 2.11 -11.56
CA ALA A 301 -0.09 1.79 -10.13
C ALA A 301 1.26 1.14 -9.88
N HIS A 302 1.74 1.20 -8.64
CA HIS A 302 3.07 0.70 -8.36
C HIS A 302 3.14 -0.82 -8.52
N LEU A 303 2.08 -1.51 -8.16
CA LEU A 303 1.90 -2.93 -8.39
C LEU A 303 2.46 -3.35 -9.75
N SER A 304 3.30 -4.39 -9.75
CA SER A 304 4.01 -4.84 -10.95
C SER A 304 3.11 -5.13 -12.15
N GLN A 305 2.17 -6.06 -11.98
CA GLN A 305 1.23 -6.45 -13.01
C GLN A 305 0.42 -5.27 -13.60
N ALA A 306 0.50 -4.08 -13.00
CA ALA A 306 -0.22 -2.91 -13.51
C ALA A 306 0.59 -2.23 -14.61
N GLY A 307 1.90 -2.49 -14.59
CA GLY A 307 2.85 -1.94 -15.53
C GLY A 307 3.81 -2.98 -16.09
N ASP A 308 5.00 -2.51 -16.47
CA ASP A 308 5.96 -3.29 -17.21
C ASP A 308 7.19 -3.63 -16.35
N ILE A 309 7.23 -3.14 -15.12
CA ILE A 309 8.38 -3.38 -14.26
C ILE A 309 8.09 -4.39 -13.17
N ASP A 310 9.02 -5.32 -12.96
CA ASP A 310 8.90 -6.26 -11.87
C ASP A 310 9.55 -5.65 -10.65
N MET A 311 8.72 -4.91 -9.90
CA MET A 311 9.11 -4.21 -8.68
C MET A 311 9.67 -5.13 -7.64
N ASN A 312 9.28 -6.41 -7.70
CA ASN A 312 9.71 -7.36 -6.69
C ASN A 312 11.18 -7.66 -6.91
N ALA A 313 11.52 -8.04 -8.14
CA ALA A 313 12.91 -8.23 -8.56
C ALA A 313 13.74 -7.02 -8.11
N VAL A 314 13.24 -5.82 -8.38
CA VAL A 314 13.93 -4.59 -7.97
C VAL A 314 14.23 -4.66 -6.48
N VAL A 315 13.21 -4.51 -5.63
CA VAL A 315 13.35 -4.48 -4.17
C VAL A 315 14.17 -5.65 -3.65
N LYS A 316 13.97 -6.84 -4.20
CA LYS A 316 14.81 -8.00 -3.91
C LYS A 316 16.30 -7.68 -4.05
N LEU A 317 16.71 -7.06 -5.17
CA LEU A 317 18.11 -6.71 -5.42
C LEU A 317 18.60 -5.75 -4.35
N LEU A 318 17.78 -4.75 -4.04
CA LEU A 318 18.08 -3.79 -2.98
C LEU A 318 18.35 -4.52 -1.66
N VAL A 319 17.61 -5.61 -1.46
CA VAL A 319 17.80 -6.47 -0.32
C VAL A 319 19.11 -7.25 -0.49
N ASP A 320 19.18 -8.13 -1.48
CA ASP A 320 20.37 -8.92 -1.79
C ASP A 320 21.72 -8.17 -1.68
N TYR A 321 21.71 -6.88 -1.99
CA TYR A 321 22.92 -6.09 -1.97
C TYR A 321 23.11 -5.27 -0.70
N ASP A 322 22.16 -5.41 0.24
CA ASP A 322 22.17 -4.64 1.49
C ASP A 322 22.11 -3.14 1.29
N TRP A 323 21.50 -2.70 0.19
CA TRP A 323 21.54 -1.29 -0.16
C TRP A 323 21.09 -0.36 0.98
N GLN A 324 21.84 0.71 1.23
CA GLN A 324 21.52 1.66 2.30
C GLN A 324 21.32 3.07 1.76
N GLY A 325 20.12 3.56 1.91
CA GLY A 325 19.74 4.89 1.42
C GLY A 325 18.22 4.89 1.46
N SER A 326 17.61 5.98 1.05
CA SER A 326 16.16 6.04 1.08
C SER A 326 15.47 5.78 -0.27
N LEU A 327 14.46 4.93 -0.26
CA LEU A 327 13.63 4.70 -1.43
C LEU A 327 12.33 5.50 -1.35
N ARG A 328 11.87 5.95 -2.51
CA ARG A 328 10.72 6.86 -2.57
C ARG A 328 9.75 6.46 -3.68
N PRO A 329 8.53 6.13 -3.29
CA PRO A 329 7.40 6.11 -4.23
C PRO A 329 7.29 7.42 -5.00
N ASP A 330 7.62 7.40 -6.28
CA ASP A 330 7.39 8.53 -7.16
C ASP A 330 5.90 8.67 -7.51
N HIS A 331 5.62 9.32 -8.63
CA HIS A 331 4.26 9.75 -8.93
C HIS A 331 3.24 8.69 -8.55
N GLY A 332 2.03 9.12 -8.23
CA GLY A 332 0.90 8.22 -8.12
C GLY A 332 -0.24 8.61 -9.05
N ARG A 333 -1.20 7.70 -9.21
CA ARG A 333 -2.44 8.00 -9.93
C ARG A 333 -3.25 9.06 -9.20
N ARG A 334 -4.13 9.73 -9.93
CA ARG A 334 -5.18 10.53 -9.33
C ARG A 334 -6.39 9.69 -8.97
N ILE A 335 -6.50 9.33 -7.68
CA ILE A 335 -7.66 8.57 -7.20
C ILE A 335 -8.35 9.22 -6.00
N TRP A 336 -9.62 8.87 -5.83
CA TRP A 336 -10.44 9.25 -4.67
C TRP A 336 -10.68 10.75 -4.55
N GLY A 337 -10.90 11.41 -5.69
CA GLY A 337 -11.24 12.83 -5.73
C GLY A 337 -10.13 13.77 -5.30
N ASP A 338 -8.89 13.27 -5.26
CA ASP A 338 -7.70 14.08 -4.97
C ASP A 338 -7.58 15.28 -5.91
N GLN A 339 -7.53 16.49 -5.31
CA GLN A 339 -7.61 17.77 -6.05
C GLN A 339 -6.25 18.38 -6.36
N THR A 340 -5.27 18.03 -5.52
CA THR A 340 -3.83 18.23 -5.76
C THR A 340 -3.43 18.25 -7.24
N LYS A 341 -2.95 19.40 -7.71
CA LYS A 341 -2.77 19.58 -9.16
C LYS A 341 -1.30 19.52 -9.62
N THR A 342 -0.37 19.58 -8.69
CA THR A 342 1.03 19.26 -9.00
C THR A 342 1.13 17.83 -9.60
N PRO A 343 1.73 17.68 -10.80
CA PRO A 343 1.85 16.44 -11.57
C PRO A 343 1.29 15.16 -10.94
N GLY A 344 2.15 14.32 -10.39
CA GLY A 344 1.69 13.03 -9.84
C GLY A 344 1.86 13.01 -8.35
N TYR A 345 1.50 14.11 -7.71
CA TYR A 345 1.94 14.32 -6.35
C TYR A 345 0.89 14.34 -5.26
N GLY A 346 -0.36 14.03 -5.58
CA GLY A 346 -1.35 13.77 -4.53
C GLY A 346 -0.87 12.73 -3.54
N LEU A 347 -1.54 12.64 -2.39
CA LEU A 347 -1.06 11.83 -1.28
C LEU A 347 -1.42 10.35 -1.40
N TYR A 348 -2.58 10.08 -2.00
CA TYR A 348 -3.19 8.75 -1.91
C TYR A 348 -2.45 7.63 -2.60
N ASP A 349 -2.41 7.65 -3.92
CA ASP A 349 -1.68 6.58 -4.65
C ASP A 349 -0.20 6.54 -4.28
N ARG A 350 0.37 7.69 -3.98
CA ARG A 350 1.74 7.75 -3.51
C ARG A 350 1.85 6.89 -2.24
N ALA A 351 0.97 7.11 -1.28
CA ALA A 351 0.98 6.28 -0.05
C ALA A 351 0.70 4.80 -0.32
N LEU A 352 -0.33 4.51 -1.12
CA LEU A 352 -0.63 3.11 -1.52
C LEU A 352 0.59 2.40 -2.09
N GLY A 353 1.40 3.14 -2.86
CA GLY A 353 2.71 2.66 -3.30
C GLY A 353 3.63 2.35 -2.14
N ALA A 354 3.82 3.31 -1.24
CA ALA A 354 4.75 3.12 -0.13
C ALA A 354 4.47 1.83 0.65
N THR A 355 3.22 1.65 1.10
CA THR A 355 2.88 0.45 1.89
C THR A 355 3.04 -0.84 1.08
N TYR A 356 2.83 -0.74 -0.22
CA TYR A 356 3.13 -1.87 -1.12
C TYR A 356 4.64 -2.18 -1.12
N PHE A 357 5.46 -1.14 -1.05
CA PHE A 357 6.92 -1.35 -0.96
C PHE A 357 7.36 -1.86 0.42
N ASN A 358 6.73 -1.39 1.49
CA ASN A 358 6.86 -2.06 2.81
C ASN A 358 6.68 -3.57 2.69
N GLY A 359 5.63 -3.97 1.98
CA GLY A 359 5.29 -5.39 1.86
C GLY A 359 6.28 -6.14 1.00
N LEU A 360 6.75 -5.50 -0.06
CA LEU A 360 7.79 -6.11 -0.89
C LEU A 360 9.08 -6.24 -0.08
N TYR A 361 9.46 -5.15 0.61
CA TYR A 361 10.69 -5.14 1.42
C TYR A 361 10.71 -6.27 2.46
N GLU A 362 9.86 -6.11 3.50
CA GLU A 362 9.64 -7.11 4.55
C GLU A 362 9.64 -8.53 4.02
N ALA A 363 8.87 -8.79 2.97
CA ALA A 363 8.76 -10.16 2.51
C ALA A 363 10.10 -10.67 2.02
N ASN A 364 10.79 -9.87 1.20
CA ASN A 364 12.07 -10.30 0.63
C ASN A 364 13.16 -10.41 1.67
N MET A 365 13.15 -9.48 2.63
CA MET A 365 14.04 -9.58 3.77
C MET A 365 13.93 -10.96 4.43
N ARG A 366 12.77 -11.28 4.99
CA ARG A 366 12.56 -12.56 5.68
C ARG A 366 12.89 -13.76 4.80
N ALA A 367 12.58 -13.64 3.52
CA ALA A 367 12.84 -14.73 2.58
C ALA A 367 14.35 -14.93 2.45
N ALA A 368 15.12 -13.85 2.57
CA ALA A 368 16.57 -13.95 2.62
C ALA A 368 17.01 -14.67 3.91
N GLY A 369 16.59 -14.10 5.03
CA GLY A 369 16.97 -14.52 6.36
C GLY A 369 17.18 -13.28 7.21
N LYS A 370 17.29 -12.14 6.55
CA LYS A 370 17.46 -10.86 7.27
C LYS A 370 16.17 -10.42 7.94
N THR A 371 16.28 -9.40 8.79
CA THR A 371 15.18 -8.91 9.60
C THR A 371 14.96 -7.44 9.26
N PRO A 372 13.79 -7.09 8.68
CA PRO A 372 13.44 -5.73 8.24
C PRO A 372 13.43 -4.70 9.34
N ASP A 373 13.04 -3.47 9.03
CA ASP A 373 12.89 -2.41 10.03
C ASP A 373 12.32 -1.17 9.41
N PHE A 374 11.49 -0.46 10.17
CA PHE A 374 10.86 0.75 9.69
C PHE A 374 11.01 1.79 10.76
N GLY A 375 10.26 2.89 10.66
CA GLY A 375 10.40 4.00 11.62
C GLY A 375 10.00 3.71 13.05
N ILE A 376 9.77 2.42 13.31
CA ILE A 376 9.10 1.91 14.50
C ILE A 376 9.93 1.95 15.77
N LYS A 377 9.47 2.78 16.71
CA LYS A 377 10.02 2.83 18.06
C LYS A 377 9.07 2.11 19.02
N ALA A 378 7.98 2.79 19.40
CA ALA A 378 6.95 2.21 20.26
C ALA A 378 5.71 1.80 19.46
N LYS A 379 5.34 0.52 19.59
CA LYS A 379 4.06 0.01 19.08
C LYS A 379 2.86 0.82 19.59
N THR A 380 2.97 1.39 20.79
CA THR A 380 1.88 2.16 21.41
C THR A 380 2.29 3.30 22.36
N VAL A 381 1.37 4.25 22.52
CA VAL A 381 1.47 5.33 23.50
C VAL A 381 1.08 4.80 24.90
N GLY B 18 -3.40 -25.00 -7.28
CA GLY B 18 -2.55 -23.77 -7.31
C GLY B 18 -3.14 -22.58 -6.57
N SER B 19 -2.28 -21.80 -5.92
CA SER B 19 -2.69 -20.64 -5.11
C SER B 19 -3.56 -19.68 -5.93
N HIS B 20 -4.47 -18.99 -5.25
CA HIS B 20 -5.41 -18.06 -5.88
C HIS B 20 -6.12 -17.19 -4.84
N MET B 21 -5.41 -16.18 -4.36
CA MET B 21 -5.94 -15.24 -3.39
C MET B 21 -6.40 -13.90 -4.01
N LYS B 22 -7.72 -13.69 -4.01
CA LYS B 22 -8.35 -12.42 -4.43
C LYS B 22 -8.37 -11.38 -3.30
N MET B 23 -7.74 -10.24 -3.52
CA MET B 23 -7.97 -9.10 -2.66
C MET B 23 -9.44 -8.69 -2.64
N SER B 24 -9.95 -8.37 -1.46
CA SER B 24 -11.34 -7.96 -1.29
C SER B 24 -11.43 -6.77 -0.35
N PHE B 25 -12.59 -6.12 -0.33
CA PHE B 25 -12.81 -4.93 0.47
C PHE B 25 -14.25 -4.96 1.00
N ARG B 26 -14.45 -4.49 2.23
CA ARG B 26 -15.79 -4.46 2.75
C ARG B 26 -16.48 -3.19 2.32
N TRP B 27 -17.76 -3.37 1.94
CA TRP B 27 -18.62 -2.33 1.40
C TRP B 27 -20.07 -2.51 1.88
N TYR B 28 -20.60 -1.47 2.50
CA TYR B 28 -21.88 -1.55 3.17
C TYR B 28 -23.04 -1.16 2.27
N GLY B 29 -22.78 -1.09 0.98
CA GLY B 29 -23.83 -0.81 0.02
C GLY B 29 -24.10 0.68 -0.16
N LYS B 30 -25.23 0.98 -0.81
CA LYS B 30 -25.63 2.33 -1.20
C LYS B 30 -25.29 3.41 -0.18
N LYS B 31 -25.57 3.10 1.09
CA LYS B 31 -25.36 4.06 2.14
C LYS B 31 -23.92 4.12 2.68
N ASP B 32 -22.94 3.57 1.93
CA ASP B 32 -21.55 3.58 2.38
C ASP B 32 -20.92 4.91 2.01
N PRO B 33 -20.28 5.55 2.99
CA PRO B 33 -19.41 6.67 2.74
C PRO B 33 -18.46 6.36 1.58
N VAL B 34 -17.70 5.28 1.68
CA VAL B 34 -16.82 4.84 0.59
C VAL B 34 -17.62 4.24 -0.58
N THR B 35 -17.29 4.65 -1.81
CA THR B 35 -18.00 4.16 -3.02
C THR B 35 -17.26 3.05 -3.75
N LEU B 36 -17.90 2.52 -4.80
CA LEU B 36 -17.29 1.46 -5.61
C LEU B 36 -16.17 1.98 -6.53
N GLU B 37 -16.34 3.19 -7.09
CA GLU B 37 -15.25 3.82 -7.83
C GLU B 37 -13.98 3.79 -6.99
N GLU B 38 -14.08 4.29 -5.75
CA GLU B 38 -12.91 4.45 -4.94
C GLU B 38 -12.26 3.11 -4.67
N ILE B 39 -13.09 2.13 -4.29
CA ILE B 39 -12.64 0.76 -4.04
C ILE B 39 -11.96 0.15 -5.24
N LYS B 40 -12.60 0.29 -6.40
CA LYS B 40 -12.08 -0.21 -7.68
C LYS B 40 -10.66 0.31 -7.99
N ALA B 41 -10.35 1.50 -7.49
CA ALA B 41 -9.07 2.16 -7.72
C ALA B 41 -7.94 1.60 -6.88
N ILE B 42 -8.25 0.77 -5.89
CA ILE B 42 -7.20 0.13 -5.09
C ILE B 42 -6.51 -0.90 -5.99
N PRO B 43 -5.19 -0.76 -6.19
CA PRO B 43 -4.49 -1.62 -7.15
C PRO B 43 -4.67 -3.07 -6.74
N GLY B 44 -5.03 -3.94 -7.68
CA GLY B 44 -5.16 -5.36 -7.36
C GLY B 44 -6.46 -5.81 -6.69
N MET B 45 -7.39 -4.88 -6.48
CA MET B 45 -8.65 -5.20 -5.76
C MET B 45 -9.59 -5.97 -6.66
N GLN B 46 -10.12 -7.08 -6.17
CA GLN B 46 -10.94 -7.96 -7.01
C GLN B 46 -12.33 -8.21 -6.46
N GLY B 47 -12.47 -8.26 -5.14
CA GLY B 47 -13.68 -8.73 -4.52
C GLY B 47 -14.37 -7.69 -3.66
N ILE B 48 -15.69 -7.81 -3.57
CA ILE B 48 -16.48 -6.98 -2.69
C ILE B 48 -17.05 -7.90 -1.65
N VAL B 49 -16.96 -7.45 -0.41
CA VAL B 49 -17.54 -8.18 0.70
C VAL B 49 -18.68 -7.34 1.22
N THR B 50 -19.90 -7.86 1.16
CA THR B 50 -21.07 -7.06 1.54
C THR B 50 -22.24 -7.90 2.10
N ALA B 51 -23.37 -7.26 2.36
CA ALA B 51 -24.54 -7.94 2.93
C ALA B 51 -25.82 -7.18 2.61
N VAL B 52 -26.95 -7.83 2.87
CA VAL B 52 -28.26 -7.22 2.70
C VAL B 52 -28.62 -6.51 3.99
N TYR B 53 -28.95 -5.22 3.89
CA TYR B 53 -29.32 -4.47 5.10
C TYR B 53 -30.80 -4.09 5.22
N ASP B 54 -31.62 -4.36 4.20
CA ASP B 54 -33.05 -4.01 4.29
C ASP B 54 -33.98 -5.08 4.99
N VAL B 55 -33.38 -6.14 5.53
CA VAL B 55 -34.10 -7.22 6.17
C VAL B 55 -33.61 -7.38 7.63
N PRO B 56 -34.54 -7.54 8.59
CA PRO B 56 -34.20 -7.72 10.00
C PRO B 56 -33.52 -9.05 10.31
N VAL B 57 -32.76 -9.09 11.41
CA VAL B 57 -32.06 -10.31 11.84
C VAL B 57 -33.01 -11.50 11.95
N GLY B 58 -32.61 -12.61 11.33
CA GLY B 58 -33.39 -13.85 11.39
C GLY B 58 -34.60 -13.96 10.46
N GLN B 59 -34.68 -13.07 9.47
CA GLN B 59 -35.90 -13.00 8.68
C GLN B 59 -35.85 -13.53 7.24
N ALA B 60 -34.65 -13.69 6.68
CA ALA B 60 -34.51 -14.36 5.38
C ALA B 60 -34.39 -13.40 4.22
N TRP B 61 -33.26 -13.50 3.53
CA TRP B 61 -32.93 -12.62 2.44
C TRP B 61 -33.53 -13.09 1.11
N PRO B 62 -34.31 -12.22 0.43
CA PRO B 62 -34.82 -12.54 -0.91
C PRO B 62 -33.71 -12.49 -1.93
N LEU B 63 -33.93 -13.12 -3.08
CA LEU B 63 -32.94 -13.13 -4.12
C LEU B 63 -32.71 -11.72 -4.69
N GLU B 64 -33.80 -11.00 -4.99
CA GLU B 64 -33.71 -9.65 -5.59
C GLU B 64 -32.82 -8.70 -4.80
N ASN B 65 -32.93 -8.71 -3.48
CA ASN B 65 -32.07 -7.91 -2.64
C ASN B 65 -30.61 -8.16 -2.96
N ILE B 66 -30.20 -9.42 -2.78
CA ILE B 66 -28.85 -9.90 -3.11
C ILE B 66 -28.50 -9.50 -4.54
N LEU B 67 -29.43 -9.70 -5.45
CA LEU B 67 -29.16 -9.38 -6.84
C LEU B 67 -28.93 -7.89 -7.14
N GLU B 68 -29.62 -7.02 -6.39
CA GLU B 68 -29.45 -5.58 -6.55
C GLU B 68 -28.01 -5.20 -6.26
N LEU B 69 -27.46 -5.75 -5.18
CA LEU B 69 -26.08 -5.52 -4.79
C LEU B 69 -25.12 -6.03 -5.85
N LYS B 70 -25.37 -7.24 -6.34
CA LYS B 70 -24.48 -7.88 -7.31
C LYS B 70 -24.35 -7.06 -8.59
N LYS B 71 -25.44 -6.40 -8.97
CA LYS B 71 -25.50 -5.62 -10.21
C LYS B 71 -24.69 -4.33 -10.07
N MET B 72 -24.84 -3.67 -8.93
CA MET B 72 -24.06 -2.47 -8.61
C MET B 72 -22.57 -2.77 -8.65
N VAL B 73 -22.20 -3.85 -7.95
CA VAL B 73 -20.82 -4.28 -7.84
C VAL B 73 -20.22 -4.70 -9.20
N GLU B 74 -21.00 -5.38 -10.02
CA GLU B 74 -20.46 -5.88 -11.28
C GLU B 74 -20.27 -4.79 -12.34
N GLU B 75 -21.07 -3.74 -12.25
CA GLU B 75 -21.03 -2.68 -13.24
C GLU B 75 -19.86 -1.80 -12.95
N ALA B 76 -19.54 -1.70 -11.65
CA ALA B 76 -18.35 -1.01 -11.15
C ALA B 76 -17.08 -1.79 -11.48
N GLY B 77 -17.23 -2.98 -12.07
CA GLY B 77 -16.09 -3.80 -12.50
C GLY B 77 -15.47 -4.68 -11.43
N LEU B 78 -16.29 -5.11 -10.48
CA LEU B 78 -15.86 -5.93 -9.36
C LEU B 78 -16.81 -7.10 -9.25
N GLU B 79 -16.63 -7.94 -8.22
CA GLU B 79 -17.51 -9.06 -7.93
C GLU B 79 -17.62 -9.26 -6.43
N ILE B 80 -18.79 -9.74 -6.02
CA ILE B 80 -19.00 -10.10 -4.64
C ILE B 80 -18.50 -11.52 -4.37
N THR B 81 -17.49 -11.61 -3.53
CA THR B 81 -16.83 -12.86 -3.26
C THR B 81 -17.22 -13.41 -1.91
N VAL B 82 -17.79 -12.57 -1.07
CA VAL B 82 -18.15 -12.99 0.25
C VAL B 82 -19.34 -12.18 0.69
N ILE B 83 -20.39 -12.85 1.16
CA ILE B 83 -21.40 -12.18 1.93
C ILE B 83 -20.80 -12.14 3.31
N GLU B 84 -20.51 -10.95 3.83
CA GLU B 84 -20.14 -10.89 5.25
C GLU B 84 -21.32 -10.40 5.98
N SER B 85 -22.10 -11.43 6.24
CA SER B 85 -22.84 -11.70 7.43
C SER B 85 -24.29 -11.80 7.14
N ILE B 86 -24.71 -13.06 7.11
CA ILE B 86 -26.09 -13.41 7.32
C ILE B 86 -26.16 -13.50 8.84
N PRO B 87 -26.74 -12.48 9.49
CA PRO B 87 -26.70 -12.42 10.94
C PRO B 87 -27.42 -13.62 11.55
N VAL B 88 -26.99 -14.04 12.73
CA VAL B 88 -27.63 -15.16 13.41
C VAL B 88 -28.51 -14.63 14.54
N HIS B 89 -29.81 -14.97 14.49
CA HIS B 89 -30.76 -14.47 15.47
C HIS B 89 -30.42 -14.99 16.85
N GLU B 90 -30.55 -14.11 17.84
CA GLU B 90 -30.27 -14.44 19.24
C GLU B 90 -31.08 -15.63 19.76
N ASP B 91 -32.29 -15.83 19.23
CA ASP B 91 -33.07 -17.00 19.60
C ASP B 91 -32.30 -18.28 19.27
N ILE B 92 -31.74 -18.33 18.07
CA ILE B 92 -30.88 -19.46 17.69
C ILE B 92 -29.72 -19.60 18.66
N LYS B 93 -29.00 -18.52 18.92
CA LYS B 93 -27.83 -18.58 19.82
C LYS B 93 -28.22 -19.05 21.20
N GLN B 94 -29.29 -18.46 21.74
CA GLN B 94 -29.87 -18.91 23.02
C GLN B 94 -30.33 -20.37 23.01
N GLY B 95 -30.85 -20.82 21.88
CA GLY B 95 -31.29 -22.19 21.76
C GLY B 95 -32.72 -22.31 22.23
N LYS B 96 -33.43 -21.19 22.08
CA LYS B 96 -34.84 -21.11 22.40
C LYS B 96 -35.70 -21.93 21.41
N PRO B 97 -36.83 -22.47 21.89
CA PRO B 97 -37.89 -23.24 21.23
C PRO B 97 -38.21 -22.92 19.77
N ASN B 98 -38.21 -21.63 19.41
CA ASN B 98 -38.64 -21.22 18.05
C ASN B 98 -37.53 -21.21 17.00
N ARG B 99 -36.28 -21.36 17.46
CA ARG B 99 -35.12 -21.39 16.57
C ARG B 99 -35.44 -21.99 15.21
N ASP B 100 -36.07 -23.15 15.21
CA ASP B 100 -36.34 -23.87 13.97
C ASP B 100 -36.75 -23.00 12.81
N ALA B 101 -37.64 -22.04 13.08
CA ALA B 101 -38.21 -21.09 12.08
C ALA B 101 -37.17 -20.10 11.56
N LEU B 102 -36.40 -19.56 12.49
CA LEU B 102 -35.30 -18.67 12.17
C LEU B 102 -34.23 -19.39 11.35
N ILE B 103 -33.96 -20.65 11.70
CA ILE B 103 -33.06 -21.50 10.96
C ILE B 103 -33.59 -21.77 9.55
N GLU B 104 -34.90 -21.98 9.38
CA GLU B 104 -35.42 -22.22 8.03
C GLU B 104 -35.19 -20.99 7.16
N ASN B 105 -35.21 -19.83 7.82
CA ASN B 105 -34.94 -18.57 7.16
C ASN B 105 -33.47 -18.48 6.80
N TYR B 106 -32.60 -18.92 7.71
CA TYR B 106 -31.19 -18.99 7.41
C TYR B 106 -30.97 -19.89 6.23
N LYS B 107 -31.61 -21.06 6.23
CA LYS B 107 -31.50 -21.95 5.07
C LYS B 107 -31.90 -21.25 3.76
N THR B 108 -32.91 -20.37 3.83
CA THR B 108 -33.43 -19.70 2.63
C THR B 108 -32.38 -18.71 2.12
N SER B 109 -31.86 -17.91 3.06
CA SER B 109 -30.76 -16.99 2.84
C SER B 109 -29.54 -17.65 2.18
N ILE B 110 -29.03 -18.75 2.77
CA ILE B 110 -27.93 -19.52 2.15
C ILE B 110 -28.25 -19.84 0.69
N ARG B 111 -29.46 -20.34 0.47
CA ARG B 111 -29.91 -20.77 -0.83
C ARG B 111 -29.91 -19.58 -1.79
N ASN B 112 -30.38 -18.44 -1.31
CA ASN B 112 -30.48 -17.29 -2.17
C ASN B 112 -29.12 -16.69 -2.52
N VAL B 113 -28.15 -16.85 -1.61
CA VAL B 113 -26.78 -16.42 -1.88
C VAL B 113 -26.14 -17.33 -2.92
N GLY B 114 -26.38 -18.63 -2.78
CA GLY B 114 -25.84 -19.59 -3.73
C GLY B 114 -26.48 -19.35 -5.07
N ALA B 115 -27.74 -18.91 -5.03
CA ALA B 115 -28.51 -18.60 -6.24
C ALA B 115 -27.90 -17.41 -6.94
N ALA B 116 -27.32 -16.51 -6.16
CA ALA B 116 -26.69 -15.30 -6.71
C ALA B 116 -25.29 -15.59 -7.24
N GLY B 117 -24.69 -16.70 -6.82
CA GLY B 117 -23.36 -17.10 -7.30
C GLY B 117 -22.22 -16.72 -6.38
N ILE B 118 -22.54 -16.33 -5.16
CA ILE B 118 -21.51 -15.93 -4.22
C ILE B 118 -21.04 -17.13 -3.42
N PRO B 119 -19.73 -17.42 -3.46
CA PRO B 119 -19.16 -18.66 -2.96
C PRO B 119 -19.08 -18.83 -1.44
N VAL B 120 -18.91 -17.74 -0.69
CA VAL B 120 -18.71 -17.85 0.75
C VAL B 120 -19.72 -17.00 1.52
N VAL B 121 -20.21 -17.53 2.66
CA VAL B 121 -20.95 -16.73 3.65
C VAL B 121 -20.25 -16.72 5.02
N CYS B 122 -20.02 -15.52 5.54
CA CYS B 122 -19.37 -15.30 6.83
C CYS B 122 -20.42 -14.96 7.88
N TYR B 123 -20.31 -15.55 9.07
CA TYR B 123 -21.23 -15.29 10.16
C TYR B 123 -20.52 -15.43 11.50
N ASN B 124 -21.19 -15.06 12.59
CA ASN B 124 -20.68 -15.29 13.94
C ASN B 124 -21.72 -15.91 14.89
N PHE B 125 -21.25 -16.41 16.03
CA PHE B 125 -22.14 -16.94 17.06
C PHE B 125 -21.81 -16.24 18.36
N MET B 126 -21.80 -14.90 18.31
CA MET B 126 -21.42 -14.11 19.47
C MET B 126 -22.61 -13.50 20.14
N PRO B 127 -22.99 -14.04 21.31
CA PRO B 127 -24.22 -13.67 22.02
C PRO B 127 -24.29 -12.16 22.28
N VAL B 128 -25.38 -11.55 21.82
CA VAL B 128 -25.69 -10.10 21.93
C VAL B 128 -24.63 -9.08 21.49
N PHE B 129 -23.35 -9.41 21.63
CA PHE B 129 -22.29 -8.51 21.19
C PHE B 129 -21.44 -9.12 20.11
N ASP B 130 -21.34 -8.43 18.98
CA ASP B 130 -20.45 -8.83 17.91
C ASP B 130 -19.01 -8.42 18.23
N TRP B 131 -18.85 -7.38 19.03
CA TRP B 131 -17.52 -6.87 19.38
C TRP B 131 -17.59 -5.90 20.54
N THR B 132 -16.47 -5.71 21.22
CA THR B 132 -16.39 -4.69 22.25
C THR B 132 -15.17 -3.80 22.05
N ARG B 133 -15.40 -2.49 22.13
CA ARG B 133 -14.35 -1.47 22.14
C ARG B 133 -14.64 -0.39 23.20
N SER B 134 -13.70 -0.21 24.11
CA SER B 134 -13.71 0.89 25.07
C SER B 134 -13.42 2.24 24.40
N ASP B 135 -12.57 2.24 23.38
CA ASP B 135 -12.14 3.47 22.69
C ASP B 135 -12.14 3.32 21.16
N LEU B 136 -12.85 4.22 20.48
CA LEU B 136 -12.94 4.19 19.02
C LEU B 136 -12.06 5.28 18.40
N HIS B 137 -11.23 5.89 19.23
CA HIS B 137 -10.36 7.00 18.80
C HIS B 137 -9.08 7.04 19.66
N HIS B 138 -8.58 5.87 20.04
CA HIS B 138 -7.37 5.77 20.86
C HIS B 138 -6.13 6.08 20.04
N PRO B 139 -5.47 7.21 20.34
CA PRO B 139 -4.31 7.68 19.55
C PRO B 139 -3.15 6.70 19.49
N LEU B 140 -2.38 6.81 18.40
CA LEU B 140 -1.22 5.96 18.17
C LEU B 140 0.05 6.80 18.03
N PRO B 141 1.22 6.18 18.27
CA PRO B 141 2.52 6.88 18.19
C PRO B 141 2.91 7.43 16.82
N ASP B 142 1.99 8.09 16.12
CA ASP B 142 2.29 8.80 14.85
C ASP B 142 1.23 9.86 14.52
N GLY B 143 0.23 9.95 15.40
CA GLY B 143 -0.82 10.97 15.30
C GLY B 143 -2.19 10.42 14.93
N SER B 144 -2.25 9.13 14.61
CA SER B 144 -3.47 8.52 14.11
C SER B 144 -4.27 7.82 15.21
N THR B 145 -5.59 7.99 15.15
CA THR B 145 -6.51 7.33 16.09
C THR B 145 -6.72 5.87 15.70
N SER B 146 -7.52 5.16 16.48
CA SER B 146 -7.77 3.74 16.26
C SER B 146 -8.60 3.17 17.39
N LEU B 147 -9.02 1.92 17.24
CA LEU B 147 -9.83 1.24 18.22
C LEU B 147 -8.96 0.45 19.17
N ALA B 148 -9.29 0.51 20.46
CA ALA B 148 -8.64 -0.33 21.47
C ALA B 148 -9.62 -0.97 22.47
N PHE B 149 -9.16 -2.02 23.14
CA PHE B 149 -9.92 -2.67 24.20
C PHE B 149 -9.15 -2.56 25.51
N LEU B 150 -9.38 -1.44 26.21
CA LEU B 150 -8.70 -1.17 27.47
C LEU B 150 -9.34 -2.02 28.57
N LYS B 151 -8.65 -3.11 28.92
CA LYS B 151 -9.12 -4.09 29.93
C LYS B 151 -9.42 -3.44 31.27
N SER B 152 -8.63 -2.42 31.60
CA SER B 152 -8.84 -1.60 32.79
C SER B 152 -10.14 -0.82 32.70
N ASP B 153 -10.18 0.14 31.77
CA ASP B 153 -11.26 1.12 31.70
C ASP B 153 -12.65 0.53 31.64
N LEU B 154 -13.52 1.06 32.52
CA LEU B 154 -14.88 0.58 32.74
C LEU B 154 -14.97 -0.93 32.99
N ALA B 155 -14.51 -1.72 32.02
CA ALA B 155 -14.58 -3.19 32.03
C ALA B 155 -14.77 -3.80 33.43
N GLY B 156 -16.00 -4.25 33.68
CA GLY B 156 -16.47 -4.63 35.00
C GLY B 156 -17.66 -3.78 35.42
N VAL B 157 -18.41 -3.28 34.43
CA VAL B 157 -19.66 -2.53 34.64
C VAL B 157 -20.73 -3.02 33.66
N ASP B 158 -21.96 -3.21 34.15
CA ASP B 158 -23.09 -3.64 33.31
C ASP B 158 -23.38 -2.61 32.21
N PRO B 159 -23.47 -3.08 30.94
CA PRO B 159 -23.79 -2.24 29.77
C PRO B 159 -25.17 -1.58 29.87
N VAL B 160 -25.20 -0.32 30.30
CA VAL B 160 -26.46 0.41 30.52
C VAL B 160 -27.30 0.64 29.25
N ALA B 180 -32.89 -8.61 29.51
CA ALA B 180 -33.58 -9.91 29.50
C ALA B 180 -32.62 -11.00 29.04
N ILE B 181 -32.11 -10.83 27.82
CA ILE B 181 -31.17 -11.76 27.19
C ILE B 181 -29.88 -11.94 28.00
N ILE B 182 -29.29 -10.84 28.45
CA ILE B 182 -28.00 -10.91 29.13
C ILE B 182 -28.08 -11.87 30.31
N GLU B 183 -29.09 -11.67 31.15
CA GLU B 183 -29.19 -12.43 32.39
C GLU B 183 -29.44 -13.89 32.05
N ASN B 184 -30.25 -14.13 31.03
CA ASN B 184 -30.41 -15.48 30.50
C ASN B 184 -29.07 -16.20 30.30
N TYR B 185 -28.16 -15.62 29.51
CA TYR B 185 -26.85 -16.22 29.24
C TYR B 185 -26.04 -16.33 30.52
N ARG B 186 -26.09 -15.24 31.29
CA ARG B 186 -25.41 -15.14 32.59
C ARG B 186 -25.91 -16.22 33.53
N GLN B 187 -27.23 -16.26 33.71
CA GLN B 187 -27.83 -17.13 34.70
C GLN B 187 -27.92 -18.58 34.22
N ASN B 188 -28.37 -18.76 32.98
CA ASN B 188 -28.73 -20.07 32.47
C ASN B 188 -27.74 -20.76 31.52
N ILE B 189 -27.36 -20.08 30.43
CA ILE B 189 -26.62 -20.69 29.31
C ILE B 189 -25.10 -20.78 29.47
N SER B 190 -24.61 -21.99 29.66
CA SER B 190 -23.19 -22.24 29.81
C SER B 190 -22.52 -22.37 28.43
N GLU B 191 -21.18 -22.35 28.44
CA GLU B 191 -20.39 -22.50 27.22
C GLU B 191 -20.75 -23.80 26.49
N GLU B 192 -21.03 -24.85 27.24
CA GLU B 192 -21.42 -26.12 26.63
C GLU B 192 -22.85 -26.06 26.15
N ASP B 193 -23.68 -25.19 26.73
CA ASP B 193 -25.01 -25.02 26.18
C ASP B 193 -24.90 -24.30 24.84
N LEU B 194 -23.95 -23.35 24.79
CA LEU B 194 -23.70 -22.60 23.59
C LEU B 194 -23.10 -23.52 22.55
N TRP B 195 -22.20 -24.41 23.00
CA TRP B 195 -21.65 -25.42 22.09
C TRP B 195 -22.77 -26.28 21.49
N ALA B 196 -23.72 -26.69 22.33
CA ALA B 196 -24.82 -27.53 21.87
C ALA B 196 -25.79 -26.74 20.98
N ASN B 197 -26.00 -25.44 21.29
CA ASN B 197 -26.86 -24.58 20.46
C ASN B 197 -26.30 -24.36 19.05
N LEU B 198 -25.00 -24.05 18.98
CA LEU B 198 -24.23 -23.96 17.74
C LEU B 198 -24.23 -25.25 16.93
N GLU B 199 -24.03 -26.39 17.57
CA GLU B 199 -24.01 -27.64 16.85
C GLU B 199 -25.35 -27.87 16.19
N TYR B 200 -26.42 -27.63 16.94
CA TYR B 200 -27.75 -27.71 16.36
C TYR B 200 -27.80 -26.86 15.08
N PHE B 201 -27.47 -25.58 15.21
CA PHE B 201 -27.38 -24.68 14.06
C PHE B 201 -26.68 -25.32 12.87
N ILE B 202 -25.39 -25.62 13.05
CA ILE B 202 -24.62 -26.05 11.90
C ILE B 202 -25.06 -27.40 11.33
N LYS B 203 -25.70 -28.26 12.14
CA LYS B 203 -26.26 -29.52 11.60
C LYS B 203 -27.49 -29.22 10.74
N ALA B 204 -28.23 -28.20 11.14
CA ALA B 204 -29.42 -27.77 10.42
C ALA B 204 -29.16 -27.08 9.06
N ILE B 205 -28.08 -26.29 8.99
CA ILE B 205 -27.80 -25.51 7.77
C ILE B 205 -26.85 -26.15 6.80
N LEU B 206 -25.89 -26.90 7.30
CA LEU B 206 -24.82 -27.41 6.43
C LEU B 206 -25.23 -28.12 5.13
N PRO B 207 -26.13 -29.12 5.20
CA PRO B 207 -26.50 -29.71 3.89
C PRO B 207 -27.05 -28.69 2.90
N THR B 208 -27.75 -27.67 3.38
CA THR B 208 -28.24 -26.63 2.49
C THR B 208 -27.07 -25.92 1.84
N ALA B 209 -26.07 -25.60 2.64
CA ALA B 209 -24.90 -24.91 2.12
C ALA B 209 -24.23 -25.77 1.07
N GLU B 210 -24.25 -27.09 1.27
CA GLU B 210 -23.65 -28.02 0.32
C GLU B 210 -24.39 -27.99 -0.99
N GLU B 211 -25.70 -28.15 -0.91
CA GLU B 211 -26.55 -28.06 -2.09
C GLU B 211 -26.45 -26.75 -2.82
N ALA B 212 -26.31 -25.64 -2.06
CA ALA B 212 -26.22 -24.28 -2.63
C ALA B 212 -24.88 -24.01 -3.31
N GLY B 213 -23.90 -24.85 -3.02
CA GLY B 213 -22.53 -24.61 -3.47
C GLY B 213 -21.90 -23.49 -2.66
N VAL B 214 -22.23 -23.40 -1.39
CA VAL B 214 -21.76 -22.28 -0.58
C VAL B 214 -20.95 -22.77 0.60
N LYS B 215 -19.83 -22.10 0.87
CA LYS B 215 -19.00 -22.40 2.01
C LYS B 215 -19.19 -21.43 3.19
N MET B 216 -19.40 -22.02 4.36
CA MET B 216 -19.61 -21.26 5.58
C MET B 216 -18.27 -20.96 6.21
N ALA B 217 -18.17 -19.81 6.86
CA ALA B 217 -16.92 -19.41 7.43
C ALA B 217 -17.26 -18.67 8.67
N ILE B 218 -17.13 -19.35 9.81
CA ILE B 218 -17.51 -18.75 11.08
C ILE B 218 -16.46 -17.75 11.51
N HIS B 219 -16.91 -16.59 11.93
CA HIS B 219 -16.06 -15.57 12.45
C HIS B 219 -15.89 -15.81 13.95
N PRO B 220 -14.65 -15.84 14.44
CA PRO B 220 -14.34 -15.95 15.86
C PRO B 220 -14.98 -14.87 16.72
N ASP B 221 -14.85 -15.02 18.04
CA ASP B 221 -15.42 -14.06 18.98
C ASP B 221 -14.48 -12.86 19.16
N ASP B 222 -15.06 -11.66 19.25
CA ASP B 222 -14.27 -10.43 19.20
C ASP B 222 -14.66 -9.48 20.33
N PRO B 223 -13.92 -9.47 21.46
CA PRO B 223 -12.67 -10.11 21.87
C PRO B 223 -12.83 -11.60 21.98
N PRO B 224 -11.73 -12.36 21.81
CA PRO B 224 -11.82 -13.80 21.70
C PRO B 224 -11.95 -14.50 23.04
N TYR B 225 -12.75 -13.92 23.95
CA TYR B 225 -13.01 -14.48 25.27
C TYR B 225 -14.27 -13.91 25.92
N GLY B 226 -14.76 -14.65 26.93
CA GLY B 226 -15.91 -14.27 27.73
C GLY B 226 -15.76 -12.92 28.40
N ILE B 227 -16.77 -12.08 28.22
CA ILE B 227 -16.87 -10.77 28.85
C ILE B 227 -18.28 -10.60 29.42
N PHE B 228 -18.47 -9.59 30.26
CA PHE B 228 -19.80 -9.21 30.78
C PHE B 228 -20.65 -10.38 31.27
N GLY B 229 -20.01 -11.44 31.77
CA GLY B 229 -20.72 -12.67 32.15
C GLY B 229 -21.23 -13.51 30.98
N LEU B 230 -21.15 -12.94 29.77
CA LEU B 230 -21.56 -13.63 28.57
C LEU B 230 -20.50 -14.68 28.20
N PRO B 231 -20.95 -15.81 27.62
CA PRO B 231 -20.00 -16.86 27.26
C PRO B 231 -19.47 -16.68 25.83
N ARG B 232 -18.27 -17.19 25.58
CA ARG B 232 -17.71 -17.22 24.23
C ARG B 232 -17.05 -18.58 24.01
N ILE B 233 -17.30 -19.20 22.85
CA ILE B 233 -16.70 -20.50 22.59
C ILE B 233 -15.75 -20.55 21.39
N ILE B 234 -15.88 -19.63 20.42
CA ILE B 234 -15.00 -19.63 19.23
C ILE B 234 -13.80 -18.71 19.50
N THR B 235 -12.80 -19.27 20.18
CA THR B 235 -11.83 -18.50 20.92
C THR B 235 -10.38 -18.89 20.70
N GLY B 236 -10.14 -20.10 20.18
CA GLY B 236 -8.78 -20.60 20.04
C GLY B 236 -8.70 -21.87 19.25
N GLN B 237 -7.51 -22.47 19.18
CA GLN B 237 -7.24 -23.67 18.37
C GLN B 237 -8.11 -24.84 18.77
N GLU B 238 -8.18 -25.06 20.08
CA GLU B 238 -8.99 -26.15 20.64
C GLU B 238 -10.42 -25.97 20.15
N ALA B 239 -10.95 -24.76 20.29
CA ALA B 239 -12.29 -24.42 19.82
C ALA B 239 -12.48 -24.63 18.31
N VAL B 240 -11.51 -24.17 17.51
CA VAL B 240 -11.55 -24.37 16.06
C VAL B 240 -11.67 -25.85 15.69
N GLU B 241 -10.80 -26.68 16.25
CA GLU B 241 -10.82 -28.12 16.00
C GLU B 241 -12.18 -28.76 16.37
N ARG B 242 -12.71 -28.41 17.54
CA ARG B 242 -14.04 -28.89 17.94
C ARG B 242 -15.13 -28.34 17.04
N PHE B 243 -14.96 -27.11 16.56
CA PHE B 243 -15.94 -26.56 15.63
C PHE B 243 -15.98 -27.33 14.30
N LEU B 244 -14.83 -27.42 13.64
CA LEU B 244 -14.71 -28.08 12.34
C LEU B 244 -15.25 -29.50 12.36
N ASN B 245 -15.13 -30.13 13.53
CA ASN B 245 -15.56 -31.49 13.73
C ASN B 245 -17.07 -31.66 13.89
N LEU B 246 -17.79 -30.56 14.13
CA LEU B 246 -19.26 -30.58 14.29
C LEU B 246 -19.94 -31.12 13.05
N TYR B 247 -19.32 -30.85 11.92
CA TYR B 247 -19.82 -31.27 10.64
C TYR B 247 -18.60 -31.17 9.76
N ASP B 248 -18.04 -32.32 9.43
CA ASP B 248 -16.71 -32.32 8.84
C ASP B 248 -16.77 -32.15 7.32
N SER B 249 -16.55 -30.90 6.86
CA SER B 249 -16.59 -30.54 5.44
C SER B 249 -15.90 -29.21 5.15
N GLU B 250 -15.53 -29.00 3.89
CA GLU B 250 -15.05 -27.69 3.44
C GLU B 250 -16.13 -26.61 3.50
N HIS B 251 -17.38 -27.04 3.32
CA HIS B 251 -18.54 -26.16 3.41
C HIS B 251 -18.74 -25.66 4.83
N ASN B 252 -18.03 -26.27 5.77
CA ASN B 252 -18.12 -25.87 7.17
C ASN B 252 -16.73 -25.50 7.64
N GLY B 253 -16.32 -24.26 7.35
CA GLY B 253 -14.99 -23.78 7.64
C GLY B 253 -14.98 -22.49 8.45
N ILE B 254 -13.86 -21.79 8.44
CA ILE B 254 -13.68 -20.59 9.24
C ILE B 254 -13.32 -19.31 8.47
N THR B 255 -13.63 -18.16 9.09
CA THR B 255 -13.07 -16.86 8.71
C THR B 255 -11.87 -16.65 9.61
N MET B 256 -10.68 -16.92 9.10
CA MET B 256 -9.49 -16.75 9.93
C MET B 256 -9.26 -15.27 10.13
N CYS B 257 -9.82 -14.75 11.21
CA CYS B 257 -9.66 -13.35 11.54
C CYS B 257 -8.51 -13.28 12.52
N VAL B 258 -7.30 -13.18 11.98
CA VAL B 258 -6.07 -13.18 12.79
C VAL B 258 -5.97 -12.12 13.89
N GLY B 259 -6.54 -10.94 13.68
CA GLY B 259 -6.47 -9.88 14.69
C GLY B 259 -7.47 -10.03 15.82
N SER B 260 -8.42 -10.96 15.67
CA SER B 260 -9.35 -11.27 16.75
C SER B 260 -8.74 -12.32 17.64
N TYR B 261 -8.31 -13.43 17.01
CA TYR B 261 -7.73 -14.54 17.72
C TYR B 261 -6.54 -14.12 18.55
N ALA B 262 -5.71 -13.23 17.99
CA ALA B 262 -4.49 -12.79 18.64
C ALA B 262 -4.74 -11.59 19.53
N SER B 263 -6.01 -11.22 19.69
CA SER B 263 -6.41 -10.21 20.69
C SER B 263 -6.24 -10.75 22.12
N ASP B 264 -6.27 -12.07 22.23
CA ASP B 264 -5.89 -12.76 23.44
C ASP B 264 -4.57 -13.43 23.15
N PRO B 265 -3.47 -12.91 23.74
CA PRO B 265 -2.14 -13.46 23.57
C PRO B 265 -2.09 -14.97 23.79
N LYS B 266 -2.85 -15.48 24.75
CA LYS B 266 -2.94 -16.92 24.93
C LYS B 266 -3.01 -17.67 23.58
N ASN B 267 -3.38 -16.97 22.50
CA ASN B 267 -3.52 -17.60 21.16
C ASN B 267 -2.34 -17.39 20.21
N ASP B 268 -2.04 -18.43 19.43
CA ASP B 268 -1.00 -18.34 18.39
C ASP B 268 -1.53 -18.44 16.93
N VAL B 269 -1.73 -17.26 16.34
CA VAL B 269 -2.30 -17.12 14.99
C VAL B 269 -1.73 -18.05 13.92
N LEU B 270 -0.40 -18.20 13.92
CA LEU B 270 0.28 -18.87 12.82
C LEU B 270 0.06 -20.38 12.79
N ALA B 271 0.07 -21.01 13.96
CA ALA B 271 -0.23 -22.45 14.05
C ALA B 271 -1.71 -22.62 13.77
N MET B 272 -2.49 -21.69 14.32
CA MET B 272 -3.92 -21.63 14.04
C MET B 272 -4.12 -21.54 12.54
N THR B 273 -3.52 -20.52 11.91
CA THR B 273 -3.61 -20.39 10.48
C THR B 273 -3.25 -21.71 9.86
N GLU B 274 -2.10 -22.26 10.27
CA GLU B 274 -1.58 -23.43 9.56
C GLU B 274 -2.37 -24.73 9.74
N TYR B 275 -2.75 -25.04 10.98
CA TYR B 275 -3.56 -26.21 11.24
C TYR B 275 -4.80 -26.11 10.36
N ALA B 276 -5.48 -24.97 10.44
CA ALA B 276 -6.61 -24.66 9.57
C ALA B 276 -6.30 -24.88 8.07
N LEU B 277 -5.17 -24.31 7.61
CA LEU B 277 -4.67 -24.56 6.25
C LEU B 277 -4.27 -26.00 5.99
N LYS B 278 -3.60 -26.61 6.96
CA LYS B 278 -3.30 -28.04 6.88
C LYS B 278 -4.59 -28.83 6.69
N ARG B 279 -5.68 -28.36 7.30
CA ARG B 279 -6.95 -29.08 7.24
C ARG B 279 -7.86 -28.68 6.08
N ASN B 280 -7.49 -27.64 5.36
CA ASN B 280 -8.31 -27.13 4.25
C ASN B 280 -9.67 -26.65 4.73
N ARG B 281 -9.63 -25.80 5.76
CA ARG B 281 -10.83 -25.30 6.40
C ARG B 281 -10.88 -23.78 6.58
N ILE B 282 -9.94 -23.08 5.95
CA ILE B 282 -10.02 -21.62 5.85
C ILE B 282 -10.83 -21.22 4.59
N ASN B 283 -11.92 -20.51 4.84
CA ASN B 283 -12.84 -20.10 3.78
C ASN B 283 -12.88 -18.59 3.54
N PHE B 284 -12.26 -17.84 4.44
CA PHE B 284 -12.18 -16.38 4.34
C PHE B 284 -11.02 -15.92 5.20
N MET B 285 -10.25 -14.95 4.70
CA MET B 285 -9.18 -14.40 5.50
C MET B 285 -9.50 -12.95 5.88
N HIS B 286 -9.31 -12.60 7.14
CA HIS B 286 -9.29 -11.22 7.60
C HIS B 286 -7.90 -11.05 8.13
N THR B 287 -7.38 -9.84 8.00
CA THR B 287 -5.97 -9.69 8.17
C THR B 287 -5.60 -8.34 8.76
N ARG B 288 -6.12 -8.04 9.96
CA ARG B 288 -5.77 -6.77 10.59
C ARG B 288 -4.76 -7.01 11.71
N ASN B 289 -3.95 -5.99 12.00
CA ASN B 289 -2.89 -6.18 12.98
C ASN B 289 -3.30 -5.58 14.29
N VAL B 290 -2.88 -6.23 15.36
CA VAL B 290 -3.26 -5.76 16.68
C VAL B 290 -2.16 -6.03 17.71
N THR B 291 -1.96 -5.11 18.66
CA THR B 291 -1.01 -5.35 19.73
C THR B 291 -1.67 -5.74 21.07
N ALA B 292 -1.15 -6.82 21.65
CA ALA B 292 -1.73 -7.42 22.84
C ALA B 292 -0.71 -7.85 23.89
N GLY B 293 -1.21 -8.13 25.09
CA GLY B 293 -0.43 -8.62 26.22
C GLY B 293 -1.38 -8.87 27.39
N ALA B 294 -0.83 -9.01 28.61
CA ALA B 294 -1.64 -9.16 29.82
C ALA B 294 -2.62 -7.98 30.02
N TRP B 295 -2.25 -6.83 29.45
CA TRP B 295 -2.98 -5.59 29.62
C TRP B 295 -4.25 -5.47 28.76
N GLY B 296 -4.37 -6.31 27.72
CA GLY B 296 -5.46 -6.20 26.71
C GLY B 296 -5.00 -5.96 25.27
N PHE B 297 -5.76 -5.16 24.49
CA PHE B 297 -5.41 -4.93 23.06
C PHE B 297 -5.75 -3.57 22.39
N GLN B 298 -4.97 -3.22 21.35
CA GLN B 298 -5.24 -2.06 20.48
C GLN B 298 -4.83 -2.30 19.04
N GLU B 299 -5.76 -2.07 18.12
CA GLU B 299 -5.50 -2.23 16.68
C GLU B 299 -4.54 -1.18 16.14
N THR B 300 -3.55 -1.68 15.39
CA THR B 300 -2.53 -0.88 14.74
C THR B 300 -2.60 -0.94 13.20
N ALA B 301 -1.76 -0.14 12.53
CA ALA B 301 -1.50 -0.26 11.10
C ALA B 301 -1.16 -1.72 10.81
N HIS B 302 -1.36 -2.13 9.56
CA HIS B 302 -1.29 -3.55 9.17
C HIS B 302 0.13 -4.10 9.17
N LEU B 303 1.10 -3.19 9.04
CA LEU B 303 2.52 -3.56 8.99
C LEU B 303 2.88 -4.42 10.18
N SER B 304 3.55 -5.54 9.93
CA SER B 304 3.87 -6.52 10.97
C SER B 304 4.43 -5.93 12.24
N GLN B 305 5.26 -4.91 12.06
CA GLN B 305 6.10 -4.34 13.12
C GLN B 305 5.37 -3.18 13.77
N ALA B 306 4.17 -2.90 13.28
CA ALA B 306 3.32 -1.87 13.89
C ALA B 306 2.57 -2.46 15.09
N GLY B 307 2.40 -3.79 15.08
CA GLY B 307 1.75 -4.54 16.15
C GLY B 307 2.47 -5.86 16.40
N ASP B 308 1.73 -6.88 16.85
CA ASP B 308 2.34 -8.12 17.34
C ASP B 308 2.22 -9.30 16.39
N ILE B 309 1.52 -9.13 15.27
CA ILE B 309 1.41 -10.21 14.29
C ILE B 309 2.53 -10.14 13.23
N ASP B 310 3.04 -11.30 12.85
CA ASP B 310 3.96 -11.42 11.73
C ASP B 310 3.12 -11.66 10.47
N MET B 311 2.71 -10.55 9.84
CA MET B 311 1.91 -10.62 8.62
C MET B 311 2.57 -11.41 7.47
N ASN B 312 3.86 -11.16 7.21
CA ASN B 312 4.58 -11.94 6.18
C ASN B 312 4.45 -13.44 6.40
N ALA B 313 4.56 -13.86 7.67
CA ALA B 313 4.44 -15.28 8.01
C ALA B 313 3.04 -15.81 7.72
N VAL B 314 2.04 -14.97 7.93
CA VAL B 314 0.66 -15.37 7.63
C VAL B 314 0.53 -15.72 6.15
N VAL B 315 0.78 -14.76 5.27
CA VAL B 315 0.62 -14.94 3.82
C VAL B 315 1.65 -15.94 3.24
N LYS B 316 2.86 -15.98 3.80
CA LYS B 316 3.76 -17.06 3.42
C LYS B 316 3.05 -18.39 3.57
N LEU B 317 2.20 -18.51 4.61
CA LEU B 317 1.43 -19.74 4.83
C LEU B 317 0.41 -19.98 3.72
N LEU B 318 -0.32 -18.92 3.34
CA LEU B 318 -1.30 -19.00 2.23
C LEU B 318 -0.60 -19.40 0.96
N VAL B 319 0.58 -18.81 0.73
CA VAL B 319 1.38 -19.17 -0.42
C VAL B 319 1.69 -20.68 -0.43
N ASP B 320 2.36 -21.15 0.63
CA ASP B 320 2.77 -22.57 0.71
C ASP B 320 1.60 -23.51 0.52
N TYR B 321 0.44 -23.12 1.02
CA TYR B 321 -0.68 -24.03 0.99
C TYR B 321 -1.58 -23.93 -0.23
N ASP B 322 -1.09 -23.24 -1.27
CA ASP B 322 -1.89 -22.90 -2.45
C ASP B 322 -3.32 -22.51 -2.08
N TRP B 323 -3.43 -21.58 -1.13
CA TRP B 323 -4.73 -21.18 -0.61
C TRP B 323 -5.56 -20.48 -1.72
N GLN B 324 -6.85 -20.80 -1.80
CA GLN B 324 -7.71 -20.21 -2.81
C GLN B 324 -8.83 -19.55 -2.07
N GLY B 325 -8.90 -18.22 -2.12
CA GLY B 325 -9.99 -17.49 -1.47
C GLY B 325 -9.82 -15.97 -1.45
N SER B 326 -10.59 -15.32 -0.58
CA SER B 326 -10.54 -13.87 -0.49
C SER B 326 -9.93 -13.41 0.82
N LEU B 327 -9.19 -12.31 0.77
CA LEU B 327 -8.69 -11.69 1.98
C LEU B 327 -9.09 -10.21 1.93
N ARG B 328 -9.57 -9.67 3.05
CA ARG B 328 -9.77 -8.22 3.22
C ARG B 328 -8.81 -7.70 4.30
N PRO B 329 -8.31 -6.47 4.12
CA PRO B 329 -7.47 -5.82 5.12
C PRO B 329 -8.16 -5.69 6.47
N ASP B 330 -9.49 -5.57 6.49
CA ASP B 330 -10.32 -5.51 7.72
C ASP B 330 -9.88 -4.42 8.66
N HIS B 331 -10.76 -3.50 9.02
CA HIS B 331 -10.42 -2.39 9.93
C HIS B 331 -9.26 -1.50 9.43
N GLY B 332 -9.38 -0.20 9.70
CA GLY B 332 -8.30 0.73 9.43
C GLY B 332 -8.15 1.69 10.59
N ARG B 333 -7.16 2.58 10.53
CA ARG B 333 -7.01 3.64 11.51
C ARG B 333 -7.69 4.87 10.94
N ARG B 334 -7.89 5.90 11.75
CA ARG B 334 -8.24 7.20 11.17
C ARG B 334 -6.95 7.96 10.87
N ILE B 335 -6.76 8.24 9.58
CA ILE B 335 -5.63 8.99 9.05
C ILE B 335 -6.20 9.97 8.05
N TRP B 336 -5.50 11.09 7.89
CA TRP B 336 -5.91 12.11 6.94
C TRP B 336 -7.30 12.57 7.35
N GLY B 337 -8.01 13.30 6.50
CA GLY B 337 -9.29 13.86 6.95
C GLY B 337 -10.43 12.84 7.09
N ASP B 338 -10.07 11.56 7.25
CA ASP B 338 -11.01 10.47 6.97
C ASP B 338 -12.27 10.61 7.79
N GLN B 339 -13.28 11.17 7.12
CA GLN B 339 -14.57 11.38 7.74
C GLN B 339 -15.51 10.24 7.36
N THR B 340 -14.98 9.02 7.31
CA THR B 340 -15.85 7.88 7.35
C THR B 340 -16.16 7.62 8.83
N LYS B 341 -17.47 7.56 9.10
CA LYS B 341 -18.06 7.36 10.42
C LYS B 341 -17.71 5.99 10.98
N THR B 342 -18.59 5.03 10.68
CA THR B 342 -18.47 3.60 11.01
C THR B 342 -17.03 3.11 11.27
N PRO B 343 -16.79 2.56 12.47
CA PRO B 343 -15.53 2.25 13.16
C PRO B 343 -14.27 2.15 12.30
N GLY B 344 -13.72 0.96 12.14
CA GLY B 344 -12.49 0.80 11.37
C GLY B 344 -12.79 0.65 9.89
N TYR B 345 -13.70 1.45 9.37
CA TYR B 345 -14.18 1.25 8.00
C TYR B 345 -14.06 2.47 7.10
N GLY B 346 -13.13 3.35 7.46
CA GLY B 346 -12.71 4.41 6.56
C GLY B 346 -11.90 3.79 5.44
N LEU B 347 -12.15 4.26 4.22
CA LEU B 347 -11.42 3.82 3.03
C LEU B 347 -9.90 3.89 3.13
N TYR B 348 -9.38 4.99 3.65
CA TYR B 348 -7.93 5.28 3.54
C TYR B 348 -6.99 4.22 4.07
N ASP B 349 -7.09 3.88 5.35
CA ASP B 349 -6.05 3.01 5.91
C ASP B 349 -6.25 1.56 5.52
N ARG B 350 -7.49 1.16 5.30
CA ARG B 350 -7.78 -0.18 4.78
C ARG B 350 -7.14 -0.31 3.38
N ALA B 351 -7.35 0.69 2.55
CA ALA B 351 -6.65 0.71 1.27
C ALA B 351 -5.17 0.48 1.52
N LEU B 352 -4.55 1.32 2.37
CA LEU B 352 -3.11 1.17 2.68
C LEU B 352 -2.74 -0.21 3.18
N GLY B 353 -3.69 -0.92 3.78
CA GLY B 353 -3.45 -2.33 4.16
C GLY B 353 -3.46 -3.30 2.99
N ALA B 354 -4.46 -3.19 2.12
CA ALA B 354 -4.52 -4.02 0.90
C ALA B 354 -3.22 -4.02 0.06
N THR B 355 -2.72 -2.86 -0.35
CA THR B 355 -1.50 -2.83 -1.18
C THR B 355 -0.26 -3.44 -0.47
N TYR B 356 -0.19 -3.22 0.84
CA TYR B 356 0.77 -3.93 1.72
C TYR B 356 0.64 -5.45 1.59
N PHE B 357 -0.56 -5.98 1.54
CA PHE B 357 -0.72 -7.42 1.25
C PHE B 357 -0.37 -7.80 -0.19
N ASN B 358 -0.57 -6.87 -1.13
CA ASN B 358 -0.11 -7.07 -2.52
C ASN B 358 1.37 -7.36 -2.54
N GLY B 359 2.11 -6.49 -1.87
CA GLY B 359 3.53 -6.63 -1.61
C GLY B 359 3.92 -7.97 -1.03
N LEU B 360 3.27 -8.36 0.05
CA LEU B 360 3.67 -9.59 0.76
C LEU B 360 3.31 -10.80 -0.07
N TYR B 361 2.15 -10.74 -0.71
CA TYR B 361 1.68 -11.85 -1.51
C TYR B 361 2.53 -12.04 -2.77
N GLU B 362 2.98 -10.94 -3.36
CA GLU B 362 3.69 -11.02 -4.61
C GLU B 362 5.09 -11.54 -4.33
N ALA B 363 5.75 -10.92 -3.35
CA ALA B 363 7.07 -11.35 -2.97
C ALA B 363 7.11 -12.87 -2.66
N ASN B 364 6.27 -13.31 -1.73
CA ASN B 364 6.20 -14.73 -1.40
C ASN B 364 5.76 -15.62 -2.55
N MET B 365 4.86 -15.16 -3.39
CA MET B 365 4.56 -15.93 -4.61
C MET B 365 5.81 -16.15 -5.45
N ARG B 366 6.65 -15.11 -5.54
CA ARG B 366 7.81 -15.16 -6.40
C ARG B 366 8.88 -16.02 -5.73
N ALA B 367 9.14 -15.77 -4.45
CA ALA B 367 10.08 -16.60 -3.69
C ALA B 367 9.79 -18.11 -3.84
N ALA B 368 8.54 -18.46 -4.08
CA ALA B 368 8.18 -19.86 -4.25
C ALA B 368 8.17 -20.26 -5.71
N GLY B 369 8.63 -19.36 -6.58
CA GLY B 369 8.65 -19.61 -8.02
C GLY B 369 7.23 -19.81 -8.52
N LYS B 370 6.29 -19.14 -7.88
CA LYS B 370 4.91 -19.14 -8.37
C LYS B 370 4.67 -17.78 -9.00
N THR B 371 3.68 -17.70 -9.88
CA THR B 371 3.39 -16.42 -10.49
C THR B 371 2.07 -15.84 -10.00
N PRO B 372 2.15 -14.72 -9.28
CA PRO B 372 1.02 -14.13 -8.57
C PRO B 372 0.06 -13.50 -9.54
N ASP B 373 -1.22 -13.48 -9.20
CA ASP B 373 -2.20 -12.85 -10.04
C ASP B 373 -3.08 -11.87 -9.27
N PHE B 374 -3.39 -10.74 -9.92
CA PHE B 374 -4.20 -9.71 -9.29
C PHE B 374 -5.43 -9.35 -10.10
N GLY B 375 -5.77 -10.18 -11.08
CA GLY B 375 -6.98 -9.99 -11.87
C GLY B 375 -6.86 -8.89 -12.91
N ILE B 376 -5.67 -8.31 -13.07
CA ILE B 376 -5.45 -7.26 -14.04
C ILE B 376 -5.46 -7.84 -15.45
N LYS B 377 -6.40 -7.41 -16.29
CA LYS B 377 -6.58 -7.97 -17.64
C LYS B 377 -6.03 -7.02 -18.71
N ALA B 378 -6.06 -5.73 -18.42
CA ALA B 378 -5.56 -4.70 -19.31
C ALA B 378 -4.67 -3.71 -18.54
N LYS B 379 -3.54 -3.34 -19.12
CA LYS B 379 -2.71 -2.27 -18.52
C LYS B 379 -3.14 -0.85 -18.93
N THR B 380 -3.77 -0.74 -20.10
CA THR B 380 -4.07 0.54 -20.75
C THR B 380 -5.44 0.44 -21.42
N VAL B 381 -6.09 1.59 -21.57
CA VAL B 381 -7.30 1.71 -22.37
C VAL B 381 -7.04 2.69 -23.54
N GLY B 382 -6.90 2.17 -24.75
CA GLY B 382 -6.75 3.00 -25.97
C GLY B 382 -5.39 3.12 -26.66
N THR B 383 -4.33 2.52 -26.09
CA THR B 383 -2.99 2.48 -26.74
C THR B 383 -2.62 1.03 -27.17
N LYS B 384 -1.46 0.54 -26.74
CA LYS B 384 -0.97 -0.85 -26.99
C LYS B 384 -0.07 -1.02 -28.23
N GLU B 385 0.91 -1.93 -28.12
CA GLU B 385 1.78 -2.29 -29.24
C GLU B 385 1.68 -3.78 -29.57
C1 DNO C . 9.40 14.54 -12.76
C2 DNO C . 9.32 14.57 -11.23
C3 DNO C . 9.12 15.98 -10.60
C4 DNO C . 10.10 17.15 -10.90
C5 DNO C . 11.64 16.85 -11.00
C6 DNO C . 12.43 18.11 -10.60
O1 DNO C . 9.35 13.46 -13.36
O2 DNO C . 10.44 13.87 -10.64
O3 DNO C . 9.06 15.84 -9.19
O4 DNO C . 9.65 17.87 -12.05
O5 DNO C . 12.07 15.77 -10.18
O6 DNO C . 12.80 18.83 -11.77
MN MN D . 11.17 11.61 -10.20
#